data_3L5H
#
_entry.id   3L5H
#
_cell.length_a   89.001
_cell.length_b   51.821
_cell.length_c   167.157
_cell.angle_alpha   90.00
_cell.angle_beta   102.17
_cell.angle_gamma   90.00
#
_symmetry.space_group_name_H-M   'P 1 21 1'
#
loop_
_entity.id
_entity.type
_entity.pdbx_description
1 polymer 'Interleukin-6 receptor subunit beta'
2 branched 2-acetamido-2-deoxy-beta-D-glucopyranose-(1-4)-2-acetamido-2-deoxy-beta-D-glucopyranose
3 branched beta-D-mannopyranose-(1-4)-beta-D-mannopyranose-(1-4)-2-acetamido-2-deoxy-beta-D-glucopyranose-(1-4)-2-acetamido-2-deoxy-beta-D-glucopyranose
4 branched beta-D-mannopyranose-(1-4)-2-acetamido-2-deoxy-beta-D-glucopyranose-(1-4)-2-acetamido-2-deoxy-beta-D-glucopyranose
5 branched alpha-L-fucopyranose-(1-6)-2-acetamido-2-deoxy-beta-D-glucopyranose
6 non-polymer 'SULFATE ION'
#
_entity_poly.entity_id   1
_entity_poly.type   'polypeptide(L)'
_entity_poly.pdbx_seq_one_letter_code
;LLDPCGYISPESPVVQLHSNFTAVCVLKEKCMDYFHVNANYIVWKTNHFTIPKEQYTIINRTASSVTFTDIASLNIQLTC
NILTFGQLEQNVYGITIISGLPPEKPKNLSCIVNEGKKMRCEWDGGRETHLETNFTLKSEWATHKFADCKAKRDTPTSCT
VDYSTVYFVNIEVWVEAENALGKVTSDHINFDPVYKVKPNPPHNLSVINSEELSSILKLTWTNPSIKSVIILKYNIQYRT
KDASTWSQIPPEDTASTRSSFTVQDLKPFTEYVFRIRCMKEDGKGYWSDWSEEASGITYEDRPSKAPSFWYKIDPSHTQG
YRTVQLVWKTLPPFEANGKILDYEVTLTRWKSHLQNYTVNATKLTVNLTNDRYLATLTVRNLVGKSDAAVLTIPACDFQA
THPVMDLKAFPKDNMLWVEWTTPRESVKKYILEWCVLSDKAPCITDWQQEDGTVHRTYLRGNLAESKCYLITVTPVYADG
PGSPESIKAYLKQAPPSKGPTVRTKKVGKNEAVLEWDQLPVDVQNGFIRNYTIFYRTIIGNETAVNVDSSHTEYTLSSLT
SDTLYMVRMAAYTDEGGKDGPEFTFTTPK
;
_entity_poly.pdbx_strand_id   A
#
loop_
_chem_comp.id
_chem_comp.type
_chem_comp.name
_chem_comp.formula
BMA D-saccharide, beta linking beta-D-mannopyranose 'C6 H12 O6'
FUC L-saccharide, alpha linking alpha-L-fucopyranose 'C6 H12 O5'
NAG D-saccharide, beta linking 2-acetamido-2-deoxy-beta-D-glucopyranose 'C8 H15 N O6'
SO4 non-polymer 'SULFATE ION' 'O4 S -2'
#
# COMPACT_ATOMS: atom_id res chain seq x y z
N LEU A 1 67.40 27.75 18.19
CA LEU A 1 66.51 28.10 19.33
C LEU A 1 67.29 28.51 20.56
N LEU A 2 66.90 29.66 21.11
CA LEU A 2 67.35 30.08 22.43
C LEU A 2 66.17 30.20 23.42
N ASP A 3 66.28 31.14 24.35
CA ASP A 3 65.43 31.17 25.53
C ASP A 3 64.13 31.96 25.39
N PRO A 4 63.17 31.70 26.30
CA PRO A 4 61.87 32.34 26.43
C PRO A 4 61.66 33.06 27.77
N CYS A 5 62.33 34.19 27.96
CA CYS A 5 62.22 35.01 29.18
C CYS A 5 61.56 34.38 30.43
N GLY A 6 60.28 33.98 30.33
CA GLY A 6 59.46 33.47 31.46
C GLY A 6 58.31 32.49 31.16
N TYR A 7 58.20 31.45 31.99
CA TYR A 7 57.27 30.34 31.78
C TYR A 7 56.16 30.30 32.85
N ILE A 8 55.07 29.56 32.58
CA ILE A 8 53.99 29.36 33.58
C ILE A 8 54.02 27.97 34.24
N SER A 9 53.15 27.07 33.79
CA SER A 9 53.14 25.72 34.35
C SER A 9 51.89 24.89 34.05
N PRO A 10 51.99 23.98 33.05
CA PRO A 10 53.09 24.02 32.09
C PRO A 10 52.59 24.64 30.79
N GLU A 11 53.33 24.41 29.70
CA GLU A 11 52.86 24.82 28.39
C GLU A 11 51.37 24.44 28.20
N SER A 12 50.93 23.33 28.82
CA SER A 12 49.50 22.90 28.79
C SER A 12 48.89 22.30 30.08
N PRO A 13 47.55 22.32 30.17
CA PRO A 13 46.74 22.19 31.37
C PRO A 13 45.76 21.01 31.43
N VAL A 14 44.47 21.31 31.37
CA VAL A 14 43.39 20.30 31.45
C VAL A 14 42.13 20.79 32.22
N VAL A 15 41.12 21.27 31.50
CA VAL A 15 39.94 21.85 32.17
C VAL A 15 38.85 20.87 32.61
N GLN A 16 38.83 20.55 33.92
CA GLN A 16 37.78 19.71 34.55
C GLN A 16 36.53 20.52 34.91
N LEU A 17 35.69 20.76 33.90
CA LEU A 17 34.83 21.95 33.82
C LEU A 17 34.26 22.56 35.10
N HIS A 18 34.85 22.26 36.25
CA HIS A 18 34.53 22.99 37.51
C HIS A 18 35.61 22.85 38.63
N SER A 19 36.61 23.74 38.57
CA SER A 19 37.68 23.83 39.56
C SER A 19 38.66 25.00 39.29
N ASN A 20 39.69 25.11 40.14
CA ASN A 20 40.58 26.27 40.16
C ASN A 20 42.01 26.01 39.65
N PHE A 21 42.46 26.84 38.70
CA PHE A 21 43.84 26.75 38.17
C PHE A 21 44.85 27.55 39.03
N THR A 22 46.01 26.96 39.28
CA THR A 22 46.99 27.51 40.24
C THR A 22 48.11 28.35 39.60
N ALA A 23 47.91 28.83 38.37
CA ALA A 23 48.99 29.46 37.56
C ALA A 23 50.07 30.24 38.36
N VAL A 24 51.33 30.14 37.92
CA VAL A 24 52.44 30.96 38.46
C VAL A 24 53.41 31.28 37.31
N CYS A 25 54.01 32.47 37.29
CA CYS A 25 54.87 32.88 36.15
C CYS A 25 56.36 32.86 36.45
N LEU A 27 59.45 35.01 34.11
CA LEU A 27 60.44 36.03 33.78
C LEU A 27 61.78 35.76 34.50
N LYS A 28 62.67 35.03 33.84
CA LYS A 28 63.92 34.52 34.46
C LYS A 28 64.84 35.63 34.97
N GLU A 29 65.87 35.23 35.74
CA GLU A 29 66.73 36.17 36.49
C GLU A 29 67.31 37.42 35.78
N LYS A 30 67.62 37.31 34.49
CA LYS A 30 68.28 38.40 33.73
C LYS A 30 67.42 39.08 32.64
N CYS A 31 66.46 38.35 32.05
CA CYS A 31 65.50 38.98 31.13
C CYS A 31 64.74 40.02 31.93
N MET A 32 64.74 39.82 33.24
CA MET A 32 64.20 40.77 34.20
C MET A 32 65.26 41.82 34.54
N ASP A 33 66.50 41.56 34.14
CA ASP A 33 67.60 42.49 34.43
C ASP A 33 67.69 43.63 33.41
N TYR A 34 67.81 43.31 32.11
CA TYR A 34 67.99 44.33 31.05
C TYR A 34 66.69 44.94 30.52
N PHE A 35 65.58 44.60 31.18
CA PHE A 35 64.26 45.21 30.98
C PHE A 35 63.88 46.02 32.21
N HIS A 36 64.45 45.61 33.36
CA HIS A 36 64.50 46.44 34.58
C HIS A 36 63.32 46.40 35.55
N VAL A 37 62.58 45.29 35.59
CA VAL A 37 61.45 45.17 36.54
C VAL A 37 61.59 43.94 37.46
N ASN A 38 60.45 43.49 37.99
CA ASN A 38 60.41 42.30 38.85
C ASN A 38 59.08 41.51 38.68
N ALA A 39 58.68 40.76 39.71
CA ALA A 39 57.39 40.08 39.68
C ALA A 39 56.26 41.06 39.30
N ASN A 40 56.46 42.33 39.68
CA ASN A 40 55.49 43.42 39.47
C ASN A 40 55.19 43.65 38.03
N TYR A 41 55.97 44.55 37.43
CA TYR A 41 55.78 44.94 36.03
C TYR A 41 54.83 44.04 35.25
N ILE A 42 54.85 42.74 35.56
CA ILE A 42 54.07 41.73 34.79
C ILE A 42 52.55 41.65 35.03
N VAL A 43 51.80 41.37 33.97
CA VAL A 43 50.35 41.31 34.06
C VAL A 43 49.88 39.91 33.67
N TRP A 44 48.61 39.61 33.93
CA TRP A 44 48.01 38.36 33.49
C TRP A 44 46.97 38.64 32.44
N LYS A 45 47.32 39.52 31.52
CA LYS A 45 46.43 39.97 30.46
C LYS A 45 45.67 38.86 29.75
N THR A 46 44.88 39.26 28.76
CA THR A 46 44.01 38.35 28.02
C THR A 46 43.06 39.10 27.02
N ASN A 47 43.54 39.29 25.77
CA ASN A 47 42.75 39.81 24.61
C ASN A 47 41.31 40.36 24.82
N HIS A 48 40.86 40.46 26.09
CA HIS A 48 39.96 41.55 26.52
C HIS A 48 40.47 41.95 27.91
N PHE A 49 39.76 42.87 28.59
CA PHE A 49 40.24 43.41 29.89
C PHE A 49 41.48 42.64 30.46
N THR A 50 41.49 42.34 31.76
CA THR A 50 42.70 41.79 32.36
C THR A 50 42.53 41.25 33.75
N ILE A 51 43.32 40.23 34.05
CA ILE A 51 43.55 39.80 35.41
C ILE A 51 43.87 41.01 36.25
N PRO A 52 42.82 41.67 36.74
CA PRO A 52 42.93 42.79 37.64
C PRO A 52 44.21 42.76 38.46
N LYS A 53 44.66 43.94 38.86
CA LYS A 53 45.79 44.14 39.77
C LYS A 53 45.61 43.37 41.09
N GLU A 54 44.66 43.82 41.92
CA GLU A 54 44.41 43.20 43.23
C GLU A 54 44.22 41.66 43.21
N GLN A 55 44.14 41.06 42.02
CA GLN A 55 43.89 39.62 41.87
C GLN A 55 45.11 38.70 41.97
N TYR A 56 46.27 39.12 41.41
CA TYR A 56 47.52 38.30 41.44
C TYR A 56 48.09 38.16 42.84
N THR A 57 48.88 37.12 43.07
CA THR A 57 49.62 37.03 44.32
C THR A 57 51.09 36.81 44.04
N ILE A 58 51.85 37.90 43.97
CA ILE A 58 53.29 37.82 43.76
C ILE A 58 53.90 36.82 44.76
N ILE A 59 54.30 35.66 44.23
CA ILE A 59 54.92 34.60 45.03
C ILE A 59 56.11 35.13 45.81
N ASN A 60 57.20 35.39 45.10
CA ASN A 60 58.40 35.90 45.72
C ASN A 60 58.85 37.10 44.90
N ARG A 61 59.93 37.78 45.32
CA ARG A 61 60.49 38.86 44.51
C ARG A 61 60.47 38.51 43.01
N THR A 62 59.67 37.50 42.64
CA THR A 62 59.65 36.91 41.31
C THR A 62 58.57 35.84 41.18
N ALA A 63 57.36 36.24 40.79
CA ALA A 63 56.28 35.27 40.49
C ALA A 63 55.03 35.93 39.88
N SER A 64 53.89 35.76 40.57
CA SER A 64 52.63 36.33 40.11
C SER A 64 51.58 35.24 39.90
N SER A 65 51.17 34.58 40.98
CA SER A 65 50.13 33.55 40.95
C SER A 65 48.75 34.14 40.68
N VAL A 66 48.06 33.55 39.71
CA VAL A 66 46.65 33.87 39.44
C VAL A 66 45.87 32.58 39.60
N THR A 67 44.91 32.58 40.54
CA THR A 67 43.98 31.45 40.65
C THR A 67 42.69 31.71 39.84
N PHE A 68 41.70 30.85 40.00
CA PHE A 68 40.55 30.92 39.12
C PHE A 68 39.19 30.74 39.79
N THR A 69 38.27 31.59 39.35
CA THR A 69 36.84 31.35 39.46
C THR A 69 36.63 29.81 39.51
N ASP A 70 35.70 29.33 38.68
CA ASP A 70 35.64 27.94 38.21
C ASP A 70 35.86 28.01 36.67
N ILE A 71 35.12 27.27 35.86
CA ILE A 71 35.43 27.35 34.45
C ILE A 71 34.22 27.36 33.55
N ALA A 72 34.36 27.90 32.33
CA ALA A 72 33.16 28.22 31.54
C ALA A 72 33.09 28.28 29.99
N SER A 73 34.10 27.83 29.23
CA SER A 73 33.84 27.53 27.79
C SER A 73 34.86 26.67 27.00
N LEU A 74 34.64 26.59 25.68
CA LEU A 74 35.19 25.52 24.83
C LEU A 74 36.73 25.30 24.74
N ASN A 75 37.49 26.41 24.66
CA ASN A 75 38.98 26.39 24.55
C ASN A 75 39.74 26.88 25.84
N ILE A 76 40.10 28.16 25.88
CA ILE A 76 40.71 28.85 27.07
C ILE A 76 42.26 29.01 27.05
N GLN A 77 42.72 30.25 26.86
CA GLN A 77 44.17 30.59 26.66
C GLN A 77 44.74 31.80 27.44
N LEU A 78 45.05 31.60 28.72
CA LEU A 78 45.49 32.67 29.63
C LEU A 78 46.88 33.22 29.27
N THR A 79 47.20 34.38 29.85
CA THR A 79 48.44 35.11 29.50
C THR A 79 49.21 35.71 30.70
N CYS A 80 50.46 35.29 30.83
CA CYS A 80 51.38 35.99 31.69
C CYS A 80 52.17 36.88 30.77
N ASN A 81 51.48 37.59 29.90
CA ASN A 81 52.12 38.64 29.12
C ASN A 81 52.40 39.80 30.03
N LEU A 83 53.82 45.04 31.42
CA LEU A 83 54.20 46.32 30.86
C LEU A 83 55.53 46.80 31.48
N THR A 84 56.50 47.10 30.62
CA THR A 84 57.90 47.44 30.99
C THR A 84 58.08 48.66 31.92
N PHE A 85 58.04 48.43 33.23
CA PHE A 85 57.81 49.52 34.23
C PHE A 85 57.50 50.92 33.70
N GLY A 86 58.37 51.45 32.85
CA GLY A 86 58.18 52.79 32.29
C GLY A 86 56.88 52.79 31.51
N GLN A 87 56.36 51.59 31.29
CA GLN A 87 55.18 51.40 30.48
C GLN A 87 55.56 50.58 29.23
N LEU A 88 54.61 49.75 28.75
CA LEU A 88 54.85 48.75 27.69
C LEU A 88 55.47 47.52 28.31
N GLN A 90 54.77 43.00 27.58
CA GLN A 90 55.60 41.98 28.23
C GLN A 90 55.55 40.57 27.55
N ASN A 91 54.60 40.34 26.62
CA ASN A 91 54.49 39.07 25.88
C ASN A 91 55.51 38.08 26.49
N VAL A 92 55.20 37.58 27.67
CA VAL A 92 56.12 36.71 28.37
C VAL A 92 55.89 35.29 27.81
N TYR A 93 54.79 34.65 28.20
CA TYR A 93 54.63 33.24 27.87
C TYR A 93 53.21 32.72 27.59
N GLY A 94 52.27 32.89 28.53
CA GLY A 94 50.89 32.41 28.34
C GLY A 94 50.82 30.88 28.38
N ILE A 95 49.63 30.31 28.16
CA ILE A 95 49.43 28.84 28.05
C ILE A 95 48.29 28.40 27.06
N THR A 96 47.71 27.23 27.35
CA THR A 96 46.46 26.76 26.72
C THR A 96 45.71 25.64 27.51
N ILE A 97 44.93 26.08 28.49
CA ILE A 97 44.12 25.18 29.28
C ILE A 97 43.15 24.43 28.31
N ILE A 98 42.39 23.43 28.80
CA ILE A 98 41.30 22.75 28.02
C ILE A 98 40.03 22.47 28.77
N SER A 99 38.93 22.51 28.02
CA SER A 99 37.58 22.33 28.56
C SER A 99 36.89 21.05 28.06
N LEU A 101 34.30 17.74 30.39
CA LEU A 101 33.19 16.81 30.54
C LEU A 101 33.76 15.40 30.67
N PRO A 102 34.40 15.11 31.81
CA PRO A 102 35.14 13.87 32.06
C PRO A 102 34.56 12.59 31.45
N PRO A 103 34.71 11.46 32.16
CA PRO A 103 34.47 10.05 31.76
C PRO A 103 33.05 9.69 31.31
N GLU A 104 32.46 8.67 31.93
CA GLU A 104 31.08 8.29 31.59
C GLU A 104 30.83 6.77 31.44
N LYS A 105 30.49 6.12 32.56
CA LYS A 105 30.13 4.70 32.52
C LYS A 105 29.51 4.43 31.16
N PRO A 106 30.22 3.69 30.31
CA PRO A 106 29.66 3.34 29.02
C PRO A 106 28.36 2.55 29.20
N LYS A 107 27.38 2.76 28.32
CA LYS A 107 26.04 2.18 28.51
C LYS A 107 25.66 1.15 27.45
N ASN A 108 24.56 0.42 27.65
CA ASN A 108 24.02 -0.49 26.63
C ASN A 108 24.72 -1.85 26.42
N LEU A 109 25.87 -1.85 25.74
CA LEU A 109 26.79 -3.01 25.63
C LEU A 109 26.21 -4.35 25.19
N SER A 110 26.36 -4.73 23.93
CA SER A 110 25.99 -6.11 23.54
C SER A 110 27.07 -6.73 22.68
N CYS A 111 27.06 -8.03 22.46
CA CYS A 111 28.11 -8.55 21.62
C CYS A 111 27.50 -9.44 20.63
N ILE A 112 27.94 -9.42 19.40
CA ILE A 112 27.49 -10.49 18.55
C ILE A 112 28.62 -11.28 17.91
N VAL A 113 28.51 -12.61 18.01
CA VAL A 113 29.38 -13.54 17.31
C VAL A 113 28.73 -13.86 15.96
N ASN A 114 29.05 -12.99 14.99
CA ASN A 114 28.42 -13.01 13.69
C ASN A 114 29.08 -14.14 12.90
N GLU A 115 28.29 -15.14 12.56
CA GLU A 115 28.87 -16.35 12.00
C GLU A 115 29.79 -16.05 10.89
N GLY A 116 31.02 -16.46 11.11
CA GLY A 116 32.08 -16.21 10.16
C GLY A 116 33.13 -15.34 10.79
N LYS A 117 32.74 -14.14 11.15
CA LYS A 117 33.69 -13.25 11.70
C LYS A 117 33.96 -13.60 13.18
N LYS A 118 34.70 -12.73 13.86
CA LYS A 118 34.97 -12.87 15.28
C LYS A 118 33.94 -12.12 16.13
N MET A 119 33.98 -12.38 17.43
CA MET A 119 33.05 -11.77 18.35
C MET A 119 33.04 -10.30 18.10
N ARG A 120 31.91 -9.66 18.32
CA ARG A 120 31.85 -8.20 18.09
C ARG A 120 30.96 -7.45 19.05
N CYS A 121 31.46 -6.35 19.60
CA CYS A 121 30.78 -5.71 20.72
C CYS A 121 30.53 -4.24 20.54
N GLU A 122 29.29 -3.84 20.78
CA GLU A 122 28.88 -2.46 20.61
C GLU A 122 28.56 -1.83 21.95
N TRP A 123 28.44 -0.51 22.01
CA TRP A 123 27.93 0.10 23.21
C TRP A 123 27.50 1.51 22.92
N ASP A 124 27.31 2.32 23.96
CA ASP A 124 26.99 3.74 23.77
C ASP A 124 27.81 4.67 24.67
N GLY A 125 28.38 5.70 24.02
CA GLY A 125 29.30 6.63 24.66
C GLY A 125 28.65 7.48 25.74
N GLY A 126 27.53 8.10 25.41
CA GLY A 126 26.89 9.00 26.35
C GLY A 126 26.76 10.38 25.74
N ARG A 127 27.35 11.38 26.38
CA ARG A 127 27.18 12.80 26.00
C ARG A 127 28.50 13.55 25.77
N GLU A 128 28.48 14.44 24.78
CA GLU A 128 29.69 14.80 24.03
C GLU A 128 30.96 15.26 24.81
N THR A 129 31.10 14.77 26.04
CA THR A 129 32.36 14.91 26.77
C THR A 129 33.16 16.15 26.31
N HIS A 130 33.90 15.98 25.20
CA HIS A 130 34.68 17.10 24.66
C HIS A 130 36.14 17.11 25.19
N LEU A 131 36.65 15.94 25.54
CA LEU A 131 38.08 15.76 25.79
C LEU A 131 38.53 14.40 25.20
N GLU A 132 38.74 14.35 23.89
CA GLU A 132 38.95 13.08 23.18
C GLU A 132 39.02 11.94 24.19
N THR A 133 38.53 10.77 23.81
CA THR A 133 38.38 9.67 24.78
C THR A 133 38.52 8.20 24.24
N ASN A 134 39.06 7.30 25.07
CA ASN A 134 39.54 5.99 24.62
C ASN A 134 38.76 4.79 25.12
N PHE A 135 37.94 4.14 24.27
CA PHE A 135 37.15 2.96 24.70
C PHE A 135 37.92 1.68 24.52
N THR A 136 37.86 0.81 25.52
CA THR A 136 38.57 -0.45 25.43
C THR A 136 37.65 -1.62 25.78
N LEU A 137 37.66 -2.69 24.99
CA LEU A 137 36.78 -3.83 25.24
C LEU A 137 37.60 -4.85 25.94
N LYS A 138 37.00 -5.46 26.96
CA LYS A 138 37.72 -6.38 27.86
C LYS A 138 37.36 -7.87 27.72
N SER A 139 38.01 -8.74 28.50
CA SER A 139 37.48 -10.10 28.62
C SER A 139 38.38 -11.08 29.36
N GLU A 140 37.74 -12.14 29.85
CA GLU A 140 38.37 -13.08 30.75
C GLU A 140 37.58 -14.36 30.74
N TRP A 141 38.26 -15.48 30.91
CA TRP A 141 37.65 -16.79 30.85
C TRP A 141 37.62 -17.42 32.23
N ALA A 142 38.12 -16.67 33.21
CA ALA A 142 38.48 -17.17 34.55
C ALA A 142 39.25 -18.47 34.48
N THR A 143 39.28 -19.09 33.31
CA THR A 143 40.28 -20.11 33.05
C THR A 143 41.53 -19.36 32.73
N HIS A 144 41.37 -18.32 31.91
CA HIS A 144 42.47 -17.52 31.41
C HIS A 144 41.89 -16.15 31.12
N LYS A 145 42.61 -15.29 30.43
CA LYS A 145 42.06 -13.94 30.20
C LYS A 145 42.67 -13.20 29.03
N PHE A 146 41.85 -12.39 28.37
CA PHE A 146 42.15 -12.06 26.99
C PHE A 146 42.73 -10.67 26.70
N ALA A 147 43.50 -10.60 25.62
CA ALA A 147 43.91 -9.33 25.02
C ALA A 147 42.77 -8.31 25.08
N ASP A 148 43.02 -7.09 24.62
CA ASP A 148 41.99 -6.07 24.64
C ASP A 148 41.76 -5.43 23.29
N CYS A 149 40.51 -5.48 22.87
CA CYS A 149 40.01 -4.66 21.80
C CYS A 149 40.27 -3.24 22.25
N LYS A 150 40.57 -2.35 21.33
CA LYS A 150 40.63 -0.95 21.64
C LYS A 150 40.08 -0.22 20.44
N ALA A 151 38.86 0.28 20.58
CA ALA A 151 38.09 0.93 19.52
C ALA A 151 38.92 1.53 18.38
N LYS A 152 38.33 1.66 17.18
CA LYS A 152 38.94 2.49 16.12
C LYS A 152 38.42 3.92 16.13
N ARG A 153 39.35 4.89 16.06
CA ARG A 153 39.00 6.31 16.14
C ARG A 153 37.86 6.57 15.18
N ASP A 154 37.96 5.94 14.01
CA ASP A 154 36.99 6.16 12.93
C ASP A 154 35.75 5.28 13.07
N THR A 155 35.55 4.75 14.28
CA THR A 155 34.33 4.06 14.69
C THR A 155 34.57 3.71 16.14
N PRO A 156 34.32 4.66 17.02
CA PRO A 156 34.84 4.70 18.35
C PRO A 156 33.93 3.97 19.32
N THR A 157 32.96 3.23 18.80
CA THR A 157 32.15 2.48 19.71
C THR A 157 32.14 0.98 19.39
N SER A 158 32.28 0.64 18.10
CA SER A 158 32.26 -0.76 17.69
C SER A 158 33.39 -1.52 18.39
N CYS A 159 34.16 -2.31 17.64
CA CYS A 159 35.08 -3.24 18.29
C CYS A 159 34.94 -4.69 17.78
N THR A 160 36.03 -5.34 17.42
CA THR A 160 35.95 -6.78 17.31
C THR A 160 37.07 -7.37 18.10
N VAL A 161 36.76 -8.35 18.92
CA VAL A 161 37.83 -9.02 19.63
C VAL A 161 38.73 -9.59 18.54
N ASP A 162 39.62 -10.51 18.90
CA ASP A 162 40.56 -11.10 17.95
C ASP A 162 41.05 -12.42 18.49
N TYR A 163 40.18 -13.16 19.16
CA TYR A 163 40.37 -14.61 19.32
C TYR A 163 39.13 -15.32 18.73
N SER A 164 39.33 -16.47 18.13
CA SER A 164 38.20 -17.23 17.66
C SER A 164 37.39 -17.58 18.89
N THR A 165 36.08 -17.59 18.78
CA THR A 165 35.26 -17.83 19.96
C THR A 165 35.04 -19.29 20.15
N VAL A 166 34.54 -19.64 21.32
CA VAL A 166 34.60 -21.02 21.75
C VAL A 166 33.31 -21.49 22.38
N TYR A 167 32.26 -21.67 21.62
CA TYR A 167 30.97 -21.86 22.26
C TYR A 167 31.04 -22.76 23.50
N PHE A 168 30.16 -22.48 24.48
CA PHE A 168 30.04 -23.19 25.76
C PHE A 168 31.21 -22.86 26.64
N VAL A 169 31.09 -21.83 27.44
CA VAL A 169 32.27 -21.28 28.01
C VAL A 169 31.98 -19.83 28.37
N ASN A 170 31.24 -19.65 29.48
CA ASN A 170 30.80 -18.33 29.91
C ASN A 170 31.91 -17.34 29.63
N ILE A 171 31.57 -16.13 29.20
CA ILE A 171 32.61 -15.14 28.99
C ILE A 171 32.26 -13.78 29.53
N GLU A 172 33.27 -12.93 29.56
CA GLU A 172 33.31 -11.78 30.42
C GLU A 172 33.59 -10.50 29.65
N VAL A 173 32.64 -9.57 29.59
CA VAL A 173 32.99 -8.31 28.95
C VAL A 173 32.53 -7.07 29.71
N TRP A 174 33.20 -5.95 29.39
CA TRP A 174 32.80 -4.63 29.84
C TRP A 174 33.72 -3.57 29.24
N VAL A 175 33.09 -2.53 28.69
CA VAL A 175 33.78 -1.41 28.06
C VAL A 175 34.51 -0.50 29.06
N GLU A 176 35.84 -0.40 28.92
CA GLU A 176 36.58 0.60 29.70
C GLU A 176 36.78 1.89 28.94
N ALA A 177 36.21 2.97 29.46
CA ALA A 177 36.22 4.24 28.75
C ALA A 177 37.23 5.20 29.37
N GLU A 178 37.99 5.91 28.53
CA GLU A 178 38.96 6.87 29.04
C GLU A 178 39.05 8.17 28.29
N ASN A 179 39.27 9.22 29.07
CA ASN A 179 39.71 10.54 28.60
C ASN A 179 40.62 11.19 29.66
N ALA A 180 40.95 12.46 29.47
CA ALA A 180 41.98 13.08 30.28
C ALA A 180 41.71 13.12 31.78
N LEU A 181 40.46 13.38 32.18
CA LEU A 181 40.13 13.60 33.60
C LEU A 181 39.55 12.38 34.34
N GLY A 182 40.37 11.35 34.55
CA GLY A 182 39.96 10.14 35.29
C GLY A 182 39.39 9.01 34.43
N LYS A 183 39.95 7.81 34.55
CA LYS A 183 39.47 6.65 33.79
C LYS A 183 38.39 5.92 34.58
N VAL A 184 37.41 5.37 33.88
CA VAL A 184 36.52 4.37 34.50
C VAL A 184 36.18 3.16 33.63
N THR A 185 35.28 2.32 34.15
CA THR A 185 34.87 1.06 33.49
C THR A 185 33.38 1.10 33.16
N SER A 186 32.84 0.00 32.65
CA SER A 186 31.39 -0.03 32.46
C SER A 186 30.74 -0.94 33.51
N ASP A 187 29.55 -1.46 33.20
CA ASP A 187 28.94 -2.52 33.98
C ASP A 187 29.22 -3.87 33.32
N HIS A 188 29.86 -4.76 34.08
CA HIS A 188 30.25 -6.08 33.61
C HIS A 188 29.10 -6.90 32.97
N ILE A 189 29.39 -7.68 31.93
CA ILE A 189 28.43 -8.75 31.55
C ILE A 189 29.13 -10.09 31.32
N ASN A 190 28.35 -11.15 31.53
CA ASN A 190 28.85 -12.51 31.53
C ASN A 190 27.99 -13.37 30.61
N PHE A 191 28.57 -13.89 29.53
CA PHE A 191 27.79 -14.81 28.67
C PHE A 191 28.43 -16.15 28.24
N ASP A 192 27.70 -16.87 27.37
CA ASP A 192 28.23 -17.99 26.62
C ASP A 192 27.96 -17.66 25.16
N PRO A 193 29.04 -17.35 24.45
CA PRO A 193 29.01 -16.75 23.13
C PRO A 193 28.00 -17.46 22.28
N VAL A 194 27.91 -18.77 22.42
CA VAL A 194 26.98 -19.54 21.60
C VAL A 194 25.53 -19.04 21.74
N TYR A 195 25.39 -17.86 22.36
CA TYR A 195 24.08 -17.24 22.48
C TYR A 195 24.01 -15.91 21.74
N LYS A 196 25.09 -15.52 21.09
CA LYS A 196 25.06 -14.30 20.30
C LYS A 196 25.43 -14.60 18.83
N VAL A 197 25.30 -15.86 18.47
CA VAL A 197 25.49 -16.23 17.10
C VAL A 197 24.41 -15.55 16.24
N LYS A 198 24.88 -14.95 15.15
CA LYS A 198 24.03 -14.61 14.03
C LYS A 198 24.60 -15.37 12.90
N PRO A 199 23.93 -16.43 12.53
CA PRO A 199 24.17 -17.31 11.41
C PRO A 199 24.11 -16.63 10.04
N ASN A 200 24.99 -17.03 9.15
CA ASN A 200 24.75 -16.70 7.77
C ASN A 200 23.30 -17.09 7.60
N PRO A 201 22.73 -16.88 6.39
CA PRO A 201 21.38 -17.20 6.09
C PRO A 201 21.48 -18.32 5.13
N PRO A 202 20.54 -19.27 5.22
CA PRO A 202 20.21 -20.36 4.32
C PRO A 202 20.38 -19.99 2.85
N HIS A 203 20.41 -20.97 1.95
CA HIS A 203 20.83 -20.57 0.65
C HIS A 203 20.78 -21.65 -0.39
N ASN A 204 21.23 -21.29 -1.58
CA ASN A 204 21.18 -22.21 -2.70
C ASN A 204 19.79 -22.80 -2.54
N LEU A 205 18.80 -21.97 -2.84
CA LEU A 205 17.42 -22.30 -2.58
C LEU A 205 16.68 -22.68 -3.86
N SER A 206 15.74 -23.61 -3.75
CA SER A 206 15.06 -24.12 -4.91
C SER A 206 13.56 -24.25 -4.61
N VAL A 207 12.71 -24.02 -5.61
CA VAL A 207 11.29 -24.42 -5.51
C VAL A 207 11.04 -25.52 -6.50
N ILE A 208 10.29 -26.55 -6.09
CA ILE A 208 9.73 -27.50 -7.08
C ILE A 208 8.28 -27.89 -6.79
N ASN A 209 7.73 -28.76 -7.64
CA ASN A 209 6.28 -28.94 -7.72
C ASN A 209 5.84 -29.99 -8.77
N SER A 210 6.74 -30.24 -9.73
CA SER A 210 6.67 -31.44 -10.59
C SER A 210 6.73 -32.80 -9.79
N GLU A 211 6.00 -32.81 -8.67
CA GLU A 211 5.39 -34.04 -8.13
C GLU A 211 4.01 -34.13 -8.81
N GLU A 212 3.40 -32.98 -9.12
CA GLU A 212 2.13 -32.96 -9.82
C GLU A 212 1.00 -33.14 -8.81
N LEU A 213 0.97 -32.22 -7.86
CA LEU A 213 -0.23 -31.95 -7.05
C LEU A 213 -0.39 -30.44 -6.75
N SER A 214 -1.53 -29.89 -7.17
CA SER A 214 -1.59 -28.54 -7.69
C SER A 214 -1.80 -27.49 -6.64
N SER A 215 -2.06 -27.94 -5.44
CA SER A 215 -2.12 -27.08 -4.26
C SER A 215 -0.74 -26.69 -3.70
N ILE A 216 0.28 -27.49 -4.00
CA ILE A 216 1.58 -27.25 -3.38
C ILE A 216 2.77 -27.13 -4.33
N LEU A 217 3.73 -26.33 -3.92
CA LEU A 217 5.09 -26.51 -4.34
C LEU A 217 5.80 -26.80 -3.02
N LYS A 218 7.12 -26.92 -3.11
CA LYS A 218 7.91 -27.36 -2.00
C LYS A 218 9.29 -26.85 -2.24
N LEU A 219 9.79 -26.15 -1.22
CA LEU A 219 11.09 -25.49 -1.24
C LEU A 219 12.10 -26.39 -0.52
N THR A 220 13.37 -25.99 -0.52
CA THR A 220 14.44 -26.81 0.04
C THR A 220 15.74 -26.05 -0.18
N TRP A 221 16.85 -26.50 0.39
CA TRP A 221 17.96 -25.57 0.30
C TRP A 221 19.32 -25.92 0.90
N THR A 222 19.66 -25.24 2.00
CA THR A 222 20.97 -25.41 2.65
C THR A 222 21.15 -24.65 3.97
N ASN A 223 21.28 -25.36 5.08
CA ASN A 223 21.50 -24.67 6.34
C ASN A 223 22.86 -24.03 6.45
N PRO A 224 23.03 -23.16 7.44
CA PRO A 224 24.24 -22.40 7.42
C PRO A 224 25.37 -23.09 8.13
N SER A 225 26.58 -22.85 7.66
CA SER A 225 27.75 -23.49 8.21
C SER A 225 27.55 -23.83 9.70
N ILE A 226 26.79 -23.03 10.44
CA ILE A 226 26.68 -23.29 11.86
C ILE A 226 25.70 -24.41 12.18
N LYS A 227 25.20 -25.07 11.14
CA LYS A 227 24.16 -26.08 11.32
C LYS A 227 24.54 -26.89 12.50
N SER A 228 25.84 -26.95 12.79
CA SER A 228 26.40 -28.06 13.59
C SER A 228 26.99 -27.61 14.93
N VAL A 229 26.21 -26.84 15.67
CA VAL A 229 26.63 -26.33 16.95
C VAL A 229 25.43 -25.71 17.59
N ILE A 230 24.47 -25.33 16.75
CA ILE A 230 23.22 -24.82 17.26
C ILE A 230 22.06 -25.44 16.50
N ILE A 231 20.84 -25.17 16.93
CA ILE A 231 19.70 -25.88 16.39
C ILE A 231 18.80 -24.89 15.70
N LEU A 232 18.77 -24.90 14.37
CA LEU A 232 18.06 -23.86 13.62
C LEU A 232 16.56 -23.82 13.82
N LYS A 233 16.01 -22.61 13.81
CA LYS A 233 14.58 -22.45 13.84
C LYS A 233 14.28 -21.31 12.88
N TYR A 234 13.34 -21.52 11.93
CA TYR A 234 13.19 -20.68 10.74
C TYR A 234 11.91 -19.88 10.61
N ASN A 235 11.82 -19.03 9.58
CA ASN A 235 10.54 -18.48 9.04
C ASN A 235 10.57 -18.46 7.51
N ILE A 236 9.91 -19.40 6.84
CA ILE A 236 9.73 -19.29 5.39
C ILE A 236 8.67 -18.22 5.16
N GLN A 237 9.09 -17.03 4.74
CA GLN A 237 8.14 -16.11 4.10
C GLN A 237 8.02 -16.36 2.56
N TYR A 238 6.90 -15.96 2.00
CA TYR A 238 6.67 -16.31 0.64
C TYR A 238 5.46 -15.58 0.24
N ARG A 239 5.41 -15.20 -1.04
CA ARG A 239 4.25 -14.52 -1.60
C ARG A 239 4.12 -14.80 -3.06
N THR A 240 3.12 -14.13 -3.63
CA THR A 240 2.65 -14.35 -4.99
C THR A 240 3.26 -13.33 -5.94
N LYS A 241 3.93 -13.87 -6.96
CA LYS A 241 4.95 -13.13 -7.69
C LYS A 241 4.82 -11.65 -7.45
N ASP A 242 3.59 -11.17 -7.67
CA ASP A 242 3.29 -9.74 -7.76
C ASP A 242 2.29 -9.32 -6.72
N ALA A 243 2.65 -9.58 -5.46
CA ALA A 243 1.99 -8.94 -4.37
C ALA A 243 3.03 -8.01 -3.84
N SER A 244 2.66 -7.20 -2.88
CA SER A 244 3.63 -6.34 -2.22
C SER A 244 3.78 -6.93 -0.83
N THR A 245 2.93 -7.92 -0.56
CA THR A 245 2.69 -8.35 0.80
C THR A 245 3.22 -9.77 1.09
N TRP A 246 4.31 -9.85 1.85
CA TRP A 246 4.87 -11.17 2.22
C TRP A 246 4.04 -11.97 3.26
N SER A 247 3.41 -13.07 2.83
CA SER A 247 2.89 -14.03 3.81
C SER A 247 4.04 -14.71 4.53
N GLN A 248 3.79 -15.06 5.80
CA GLN A 248 4.70 -15.91 6.61
C GLN A 248 4.15 -17.31 6.81
N ILE A 249 4.83 -18.11 7.61
CA ILE A 249 4.38 -19.46 7.88
C ILE A 249 4.63 -19.88 9.29
N PRO A 250 3.54 -20.24 9.97
CA PRO A 250 3.44 -20.64 11.34
C PRO A 250 4.77 -21.14 11.87
N PRO A 251 5.36 -20.40 12.81
CA PRO A 251 6.71 -20.70 13.27
C PRO A 251 6.83 -21.84 14.31
N GLU A 252 5.73 -22.43 14.76
CA GLU A 252 5.87 -23.72 15.42
C GLU A 252 5.89 -24.75 14.32
N ASP A 253 5.60 -24.29 13.11
CA ASP A 253 5.61 -25.16 11.96
C ASP A 253 6.93 -25.12 11.24
N THR A 254 7.83 -24.26 11.70
CA THR A 254 9.26 -24.38 11.35
C THR A 254 10.21 -24.15 12.55
N ALA A 255 10.48 -25.24 13.28
CA ALA A 255 11.10 -25.15 14.59
C ALA A 255 12.57 -25.65 14.81
N SER A 256 13.05 -26.62 14.03
CA SER A 256 14.41 -27.13 14.26
C SER A 256 15.13 -27.58 12.99
N THR A 257 16.38 -27.15 12.84
CA THR A 257 17.20 -27.60 11.74
C THR A 257 16.41 -28.48 10.78
N ARG A 258 16.74 -28.36 9.50
CA ARG A 258 16.18 -29.18 8.44
C ARG A 258 16.59 -28.60 7.12
N SER A 259 16.45 -29.39 6.06
CA SER A 259 16.92 -28.93 4.77
C SER A 259 15.82 -28.81 3.67
N SER A 260 14.65 -29.34 3.98
CA SER A 260 13.55 -29.24 3.06
C SER A 260 12.35 -28.45 3.65
N PHE A 261 11.16 -28.74 3.10
CA PHE A 261 9.86 -28.26 3.59
C PHE A 261 8.95 -27.80 2.47
N THR A 262 7.73 -28.31 2.51
CA THR A 262 6.79 -28.12 1.46
C THR A 262 5.77 -27.17 1.99
N VAL A 263 5.52 -26.09 1.27
CA VAL A 263 4.36 -25.22 1.55
C VAL A 263 3.21 -25.71 0.65
N GLN A 264 1.98 -25.44 1.09
CA GLN A 264 0.82 -26.07 0.50
C GLN A 264 -0.43 -25.22 0.51
N ASP A 265 -1.43 -25.70 -0.23
CA ASP A 265 -2.69 -25.00 -0.29
C ASP A 265 -2.62 -23.69 -1.15
N LEU A 266 -1.60 -23.63 -2.01
CA LEU A 266 -1.44 -22.56 -2.97
C LEU A 266 -2.43 -22.59 -4.16
N LYS A 267 -2.58 -21.44 -4.81
CA LYS A 267 -3.42 -21.26 -5.96
C LYS A 267 -2.76 -22.14 -6.97
N PRO A 268 -3.55 -22.69 -7.92
CA PRO A 268 -3.02 -23.70 -8.79
C PRO A 268 -2.54 -22.94 -9.95
N PHE A 269 -1.59 -23.50 -10.68
CA PHE A 269 -0.96 -22.77 -11.78
C PHE A 269 -0.86 -21.26 -11.48
N THR A 270 -0.01 -20.89 -10.53
CA THR A 270 0.45 -19.51 -10.44
C THR A 270 1.95 -19.44 -10.29
N GLU A 271 2.43 -18.21 -10.25
CA GLU A 271 3.84 -17.93 -9.90
C GLU A 271 3.95 -17.54 -8.44
N TYR A 272 4.80 -18.25 -7.72
CA TYR A 272 5.09 -17.84 -6.38
C TYR A 272 6.58 -17.57 -6.14
N VAL A 273 6.87 -16.91 -5.03
CA VAL A 273 8.23 -16.52 -4.77
C VAL A 273 8.48 -16.41 -3.29
N PHE A 274 9.41 -17.25 -2.82
CA PHE A 274 9.59 -17.54 -1.37
C PHE A 274 10.94 -17.01 -0.90
N ARG A 275 11.16 -17.02 0.41
CA ARG A 275 12.46 -16.64 0.95
C ARG A 275 12.46 -16.96 2.43
N ILE A 276 13.62 -17.23 3.02
CA ILE A 276 13.58 -17.60 4.45
C ILE A 276 14.70 -16.97 5.28
N ARG A 277 14.52 -16.85 6.58
CA ARG A 277 15.62 -16.57 7.46
C ARG A 277 15.44 -17.44 8.67
N CYS A 278 16.56 -17.83 9.25
CA CYS A 278 16.56 -18.83 10.27
C CYS A 278 17.48 -18.24 11.29
N MET A 279 17.46 -18.80 12.50
CA MET A 279 18.43 -18.51 13.52
C MET A 279 18.29 -19.66 14.49
N LYS A 280 18.96 -19.53 15.64
CA LYS A 280 19.12 -20.61 16.65
C LYS A 280 17.87 -21.03 17.42
N GLU A 281 17.71 -22.34 17.61
CA GLU A 281 16.43 -22.91 18.00
C GLU A 281 15.54 -22.03 18.89
N ASP A 282 15.94 -21.75 20.11
CA ASP A 282 15.01 -21.09 21.00
C ASP A 282 14.65 -19.67 20.57
N GLY A 283 15.63 -18.81 20.38
CA GLY A 283 15.29 -17.48 19.94
C GLY A 283 16.29 -16.53 20.53
N LYS A 284 17.25 -17.14 21.24
CA LYS A 284 18.29 -16.44 22.01
C LYS A 284 19.52 -16.14 21.18
N GLY A 285 19.44 -15.05 20.42
CA GLY A 285 20.46 -14.73 19.41
C GLY A 285 19.93 -14.16 18.09
N TYR A 286 20.66 -13.23 17.49
CA TYR A 286 20.13 -12.51 16.38
C TYR A 286 19.83 -13.42 15.21
N TRP A 287 18.70 -13.17 14.54
CA TRP A 287 18.28 -13.84 13.32
C TRP A 287 19.10 -13.30 12.19
N SER A 288 19.02 -13.98 11.07
CA SER A 288 19.88 -13.70 9.97
C SER A 288 19.14 -13.10 8.77
N ASP A 289 19.91 -12.80 7.72
CA ASP A 289 19.39 -12.04 6.62
C ASP A 289 18.68 -13.01 5.72
N TRP A 290 17.83 -12.49 4.82
CA TRP A 290 17.06 -13.39 4.00
C TRP A 290 17.88 -13.94 2.87
N SER A 291 17.67 -15.21 2.59
CA SER A 291 18.39 -15.90 1.56
C SER A 291 17.90 -15.23 0.32
N GLU A 292 18.62 -15.35 -0.80
CA GLU A 292 18.13 -14.71 -2.02
C GLU A 292 16.67 -15.07 -2.01
N GLU A 293 15.90 -14.70 -3.00
CA GLU A 293 14.54 -15.24 -3.07
C GLU A 293 14.44 -16.27 -4.19
N ALA A 294 13.48 -17.18 -4.14
CA ALA A 294 13.33 -18.18 -5.22
C ALA A 294 11.93 -18.18 -5.74
N SER A 295 11.76 -18.54 -7.02
CA SER A 295 10.41 -18.59 -7.64
C SER A 295 9.73 -19.96 -7.69
N GLY A 296 9.06 -20.25 -8.81
CA GLY A 296 8.25 -21.48 -8.96
C GLY A 296 6.79 -21.25 -9.31
N ILE A 297 6.26 -22.09 -10.20
CA ILE A 297 4.87 -22.02 -10.62
C ILE A 297 4.16 -23.09 -9.83
N THR A 298 2.92 -23.41 -10.19
CA THR A 298 2.29 -24.54 -9.54
C THR A 298 1.69 -25.45 -10.59
N TYR A 299 1.21 -26.64 -10.19
CA TYR A 299 0.72 -27.59 -11.18
C TYR A 299 -0.20 -26.77 -12.08
N GLU A 300 -0.80 -27.40 -13.08
CA GLU A 300 -1.90 -26.75 -13.77
C GLU A 300 -3.11 -27.24 -13.05
N ASP A 301 -3.80 -28.21 -13.61
CA ASP A 301 -4.93 -28.70 -12.86
C ASP A 301 -6.22 -28.25 -13.53
N ARG A 302 -7.01 -29.21 -13.95
CA ARG A 302 -8.21 -28.94 -14.69
C ARG A 302 -8.96 -27.63 -14.44
N PRO A 303 -9.58 -27.08 -15.50
CA PRO A 303 -10.48 -25.93 -15.51
C PRO A 303 -11.68 -26.26 -14.68
N SER A 304 -12.01 -25.39 -13.75
CA SER A 304 -12.93 -25.74 -12.69
C SER A 304 -14.21 -24.94 -12.76
N LYS A 305 -15.15 -25.43 -13.54
CA LYS A 305 -16.42 -24.76 -13.68
C LYS A 305 -16.64 -24.28 -15.12
N ALA A 306 -17.74 -24.76 -15.66
CA ALA A 306 -18.49 -24.15 -16.77
C ALA A 306 -17.74 -23.01 -17.39
N PRO A 307 -17.94 -22.84 -18.71
CA PRO A 307 -17.77 -21.54 -19.31
C PRO A 307 -19.17 -20.99 -19.32
N SER A 308 -19.35 -19.71 -19.65
CA SER A 308 -20.70 -19.17 -19.73
C SER A 308 -21.30 -19.43 -21.14
N PHE A 309 -22.57 -19.79 -21.21
CA PHE A 309 -23.14 -20.33 -22.42
C PHE A 309 -24.44 -19.65 -22.61
N TRP A 310 -24.75 -19.34 -23.88
CA TRP A 310 -26.09 -18.96 -24.32
C TRP A 310 -26.05 -18.96 -25.78
N TYR A 311 -27.24 -18.96 -26.34
CA TYR A 311 -27.36 -18.80 -27.77
C TYR A 311 -28.27 -17.62 -28.04
N LYS A 312 -28.14 -17.08 -29.27
CA LYS A 312 -29.04 -16.07 -29.82
C LYS A 312 -29.58 -16.67 -31.10
N ILE A 313 -30.72 -16.19 -31.60
CA ILE A 313 -31.39 -16.97 -32.68
C ILE A 313 -31.99 -16.27 -33.94
N ASP A 314 -31.14 -15.55 -34.69
CA ASP A 314 -31.48 -14.91 -35.97
C ASP A 314 -32.78 -15.48 -36.53
N PRO A 315 -33.70 -14.61 -37.07
CA PRO A 315 -34.99 -15.02 -37.70
C PRO A 315 -34.83 -15.97 -38.90
N SER A 316 -34.55 -17.25 -38.61
CA SER A 316 -34.15 -18.30 -39.60
C SER A 316 -33.65 -17.77 -40.94
N HIS A 317 -32.82 -18.56 -41.62
CA HIS A 317 -32.34 -18.18 -42.96
C HIS A 317 -33.06 -18.90 -44.16
N THR A 318 -32.63 -20.12 -44.50
CA THR A 318 -33.25 -20.90 -45.59
C THR A 318 -34.43 -21.78 -45.10
N GLN A 319 -35.59 -21.11 -44.95
CA GLN A 319 -36.86 -21.70 -44.43
C GLN A 319 -36.94 -23.18 -44.05
N GLY A 320 -36.51 -23.50 -42.82
CA GLY A 320 -36.46 -24.88 -42.33
C GLY A 320 -35.29 -25.06 -41.37
N TYR A 321 -34.10 -25.22 -41.94
CA TYR A 321 -32.88 -24.97 -41.21
C TYR A 321 -33.16 -23.67 -40.45
N ARG A 322 -32.71 -23.56 -39.21
CA ARG A 322 -32.75 -22.30 -38.46
C ARG A 322 -31.35 -22.08 -37.93
N THR A 323 -30.64 -21.08 -38.43
CA THR A 323 -29.26 -20.89 -37.98
C THR A 323 -29.33 -20.65 -36.51
N VAL A 324 -28.27 -20.93 -35.77
CA VAL A 324 -28.29 -20.58 -34.33
C VAL A 324 -26.95 -20.15 -33.76
N GLN A 325 -26.92 -18.93 -33.26
CA GLN A 325 -25.68 -18.39 -32.78
C GLN A 325 -25.44 -18.81 -31.33
N LEU A 326 -24.53 -19.78 -31.18
CA LEU A 326 -23.92 -20.10 -29.90
C LEU A 326 -22.77 -19.13 -29.67
N VAL A 327 -22.66 -18.67 -28.40
CA VAL A 327 -21.49 -17.95 -27.88
C VAL A 327 -21.44 -18.10 -26.39
N TRP A 328 -20.21 -18.20 -25.88
CA TRP A 328 -19.87 -18.39 -24.45
C TRP A 328 -18.65 -17.52 -24.04
N LYS A 329 -18.49 -17.25 -22.74
CA LYS A 329 -17.45 -16.32 -22.27
C LYS A 329 -16.09 -16.97 -21.90
N THR A 330 -15.09 -16.18 -21.52
CA THR A 330 -13.77 -16.79 -21.17
C THR A 330 -13.50 -16.92 -19.66
N LEU A 331 -13.06 -18.10 -19.24
CA LEU A 331 -12.78 -18.27 -17.83
C LEU A 331 -11.67 -17.30 -17.41
N PRO A 332 -11.83 -16.73 -16.20
CA PRO A 332 -10.77 -15.83 -15.74
C PRO A 332 -9.62 -16.70 -15.45
N PRO A 333 -8.54 -16.49 -16.19
CA PRO A 333 -7.25 -17.13 -15.93
C PRO A 333 -7.10 -17.48 -14.44
N PHE A 334 -8.09 -18.19 -13.87
CA PHE A 334 -8.12 -18.42 -12.43
C PHE A 334 -9.22 -19.40 -12.15
N GLU A 335 -10.13 -19.53 -13.11
CA GLU A 335 -11.09 -20.62 -13.17
C GLU A 335 -10.47 -21.55 -14.23
N ALA A 336 -9.43 -21.01 -14.84
CA ALA A 336 -8.75 -21.64 -15.95
C ALA A 336 -7.79 -22.62 -15.41
N ASN A 337 -7.04 -22.18 -14.40
CA ASN A 337 -5.97 -22.97 -13.79
C ASN A 337 -4.99 -23.35 -14.88
N GLY A 338 -4.64 -22.35 -15.70
CA GLY A 338 -3.68 -22.55 -16.80
C GLY A 338 -4.21 -22.27 -18.20
N LYS A 339 -3.30 -22.04 -19.15
CA LYS A 339 -3.69 -21.64 -20.51
C LYS A 339 -4.85 -22.48 -21.02
N ILE A 340 -5.81 -21.78 -21.62
CA ILE A 340 -7.00 -22.38 -22.25
C ILE A 340 -6.63 -22.97 -23.62
N LEU A 341 -6.86 -24.25 -23.82
CA LEU A 341 -6.34 -24.86 -25.05
C LEU A 341 -7.35 -24.77 -26.18
N ASP A 342 -8.63 -25.00 -25.88
CA ASP A 342 -9.62 -24.98 -26.95
C ASP A 342 -10.97 -25.46 -26.48
N TYR A 343 -12.00 -24.65 -26.68
CA TYR A 343 -13.35 -25.01 -26.25
C TYR A 343 -13.95 -26.22 -26.96
N GLU A 344 -14.99 -26.83 -26.41
CA GLU A 344 -15.63 -27.96 -27.08
C GLU A 344 -17.12 -28.18 -26.80
N VAL A 345 -17.93 -28.01 -27.84
CA VAL A 345 -19.38 -28.17 -27.71
C VAL A 345 -19.88 -29.32 -28.50
N THR A 346 -20.75 -30.11 -27.88
CA THR A 346 -21.39 -31.22 -28.55
C THR A 346 -22.86 -30.87 -28.65
N LEU A 347 -23.53 -31.45 -29.64
CA LEU A 347 -24.92 -31.16 -29.85
C LEU A 347 -25.76 -32.42 -30.06
N THR A 348 -26.85 -32.51 -29.28
CA THR A 348 -27.70 -33.70 -29.20
C THR A 348 -29.15 -33.39 -29.56
N ARG A 349 -29.78 -34.20 -30.38
CA ARG A 349 -31.17 -33.91 -30.70
C ARG A 349 -32.08 -35.11 -30.93
N TRP A 350 -33.37 -34.80 -31.08
CA TRP A 350 -34.39 -35.81 -31.37
C TRP A 350 -33.89 -37.21 -31.05
N LYS A 351 -34.76 -38.03 -30.48
CA LYS A 351 -34.32 -39.28 -29.89
C LYS A 351 -33.20 -39.98 -30.70
N SER A 352 -31.93 -39.59 -30.48
CA SER A 352 -30.77 -40.44 -30.82
C SER A 352 -29.91 -40.07 -32.03
N HIS A 353 -28.91 -39.18 -31.85
CA HIS A 353 -27.96 -38.82 -32.93
C HIS A 353 -27.40 -37.42 -32.76
N LEU A 354 -26.08 -37.24 -32.95
CA LEU A 354 -25.43 -35.96 -32.62
C LEU A 354 -23.92 -35.81 -32.86
N GLN A 355 -23.53 -34.70 -33.48
CA GLN A 355 -22.11 -34.41 -33.76
C GLN A 355 -21.55 -33.41 -32.76
N ASN A 356 -20.25 -33.54 -32.46
CA ASN A 356 -19.55 -32.56 -31.61
C ASN A 356 -18.68 -31.60 -32.41
N TYR A 357 -17.99 -30.73 -31.67
CA TYR A 357 -17.08 -29.77 -32.28
C TYR A 357 -16.10 -29.29 -31.20
N THR A 358 -15.19 -28.44 -31.62
CA THR A 358 -14.01 -28.18 -30.84
C THR A 358 -13.63 -26.72 -31.01
N VAL A 359 -14.57 -25.92 -31.49
CA VAL A 359 -14.32 -24.50 -31.67
C VAL A 359 -13.02 -24.13 -31.00
N ASN A 360 -12.30 -23.18 -31.57
CA ASN A 360 -11.16 -22.64 -30.87
C ASN A 360 -11.37 -21.16 -30.59
N ALA A 361 -12.48 -20.63 -31.12
CA ALA A 361 -13.03 -19.33 -30.69
C ALA A 361 -14.28 -19.56 -29.85
N THR A 362 -15.19 -18.61 -29.87
CA THR A 362 -16.17 -18.64 -28.83
C THR A 362 -17.57 -18.62 -29.40
N LYS A 363 -17.67 -18.09 -30.61
CA LYS A 363 -18.88 -18.17 -31.39
C LYS A 363 -18.77 -19.43 -32.21
N LEU A 364 -19.38 -20.51 -31.76
CA LEU A 364 -19.77 -21.48 -32.73
C LEU A 364 -21.10 -20.99 -33.20
N THR A 365 -21.28 -21.06 -34.51
CA THR A 365 -22.43 -20.56 -35.23
C THR A 365 -22.80 -21.77 -36.02
N VAL A 366 -23.88 -22.45 -35.72
CA VAL A 366 -24.08 -23.72 -36.41
C VAL A 366 -25.30 -23.70 -37.22
N ASN A 367 -25.55 -24.82 -37.89
CA ASN A 367 -26.83 -25.07 -38.53
C ASN A 367 -27.72 -25.92 -37.62
N LEU A 368 -29.03 -25.95 -37.89
CA LEU A 368 -29.97 -26.57 -36.96
C LEU A 368 -31.44 -26.59 -37.41
N THR A 369 -32.24 -27.41 -36.74
CA THR A 369 -33.54 -27.73 -37.24
C THR A 369 -34.66 -27.17 -36.39
N ASN A 370 -35.80 -27.86 -36.41
CA ASN A 370 -37.03 -27.43 -35.74
C ASN A 370 -37.46 -28.50 -34.77
N ASP A 371 -36.52 -29.30 -34.28
CA ASP A 371 -36.86 -30.27 -33.26
C ASP A 371 -36.53 -29.56 -31.98
N ARG A 372 -36.65 -30.25 -30.86
CA ARG A 372 -36.00 -29.76 -29.68
C ARG A 372 -34.53 -30.11 -29.84
N TYR A 373 -33.66 -29.37 -29.17
CA TYR A 373 -32.23 -29.69 -29.17
C TYR A 373 -31.62 -29.65 -27.78
N LEU A 374 -30.29 -29.65 -27.74
CA LEU A 374 -29.56 -29.54 -26.48
C LEU A 374 -28.06 -29.63 -26.64
N ALA A 375 -27.39 -28.53 -26.31
CA ALA A 375 -25.97 -28.36 -26.59
C ALA A 375 -25.11 -28.49 -25.32
N THR A 376 -23.81 -28.71 -25.52
CA THR A 376 -22.90 -29.02 -24.39
C THR A 376 -21.40 -28.65 -24.59
N LEU A 377 -21.07 -27.47 -24.06
CA LEU A 377 -19.78 -26.81 -24.20
C LEU A 377 -19.03 -27.22 -23.00
N THR A 378 -17.75 -27.52 -23.17
CA THR A 378 -16.84 -27.80 -22.06
C THR A 378 -15.59 -27.05 -22.45
N VAL A 379 -14.56 -27.02 -21.60
CA VAL A 379 -13.36 -26.29 -22.00
C VAL A 379 -12.09 -26.96 -21.53
N ARG A 380 -11.25 -27.40 -22.46
CA ARG A 380 -10.08 -28.24 -22.12
C ARG A 380 -8.74 -27.50 -22.04
N ASN A 381 -7.79 -28.12 -21.31
CA ASN A 381 -6.39 -27.69 -21.23
C ASN A 381 -5.34 -28.78 -20.92
N LEU A 382 -4.08 -28.37 -21.00
CA LEU A 382 -2.89 -29.22 -20.74
C LEU A 382 -3.07 -30.11 -19.54
N VAL A 383 -4.32 -30.54 -19.27
CA VAL A 383 -4.59 -31.36 -18.07
C VAL A 383 -6.02 -31.87 -18.02
N GLY A 384 -6.91 -31.14 -18.69
CA GLY A 384 -8.38 -31.42 -18.66
C GLY A 384 -9.12 -30.32 -19.42
N LYS A 385 -10.40 -30.49 -19.75
CA LYS A 385 -11.30 -31.54 -19.32
C LYS A 385 -12.09 -30.74 -18.35
N SER A 386 -13.19 -30.16 -18.83
CA SER A 386 -13.83 -29.04 -18.11
C SER A 386 -15.33 -29.11 -17.82
N ASP A 387 -15.74 -29.95 -16.88
CA ASP A 387 -17.07 -29.80 -16.32
C ASP A 387 -17.99 -29.24 -17.42
N ALA A 388 -19.20 -29.76 -17.49
CA ALA A 388 -20.09 -29.49 -18.61
C ALA A 388 -20.84 -28.15 -18.58
N ALA A 389 -20.93 -27.48 -19.74
CA ALA A 389 -21.86 -26.36 -20.00
C ALA A 389 -23.15 -26.93 -20.55
N VAL A 390 -24.28 -26.25 -20.37
CA VAL A 390 -25.56 -26.86 -20.85
C VAL A 390 -26.83 -26.02 -21.21
N LEU A 391 -27.18 -26.04 -22.51
CA LEU A 391 -28.32 -25.32 -23.10
C LEU A 391 -29.42 -26.25 -23.57
N THR A 392 -30.65 -25.69 -23.67
CA THR A 392 -31.81 -26.36 -24.32
C THR A 392 -32.41 -25.43 -25.39
N ILE A 393 -32.34 -25.84 -26.63
CA ILE A 393 -32.57 -24.94 -27.72
C ILE A 393 -33.74 -25.59 -28.42
N PRO A 394 -34.92 -24.95 -28.34
CA PRO A 394 -36.06 -25.86 -28.46
C PRO A 394 -36.83 -26.03 -29.77
N ALA A 395 -37.56 -27.14 -29.76
CA ALA A 395 -38.73 -27.38 -30.58
C ALA A 395 -39.45 -26.06 -30.75
N CYS A 396 -39.78 -25.78 -32.01
CA CYS A 396 -40.09 -24.45 -32.54
C CYS A 396 -41.51 -23.98 -32.24
N ASP A 397 -41.74 -23.57 -31.01
CA ASP A 397 -43.07 -23.21 -30.56
C ASP A 397 -43.09 -23.05 -29.06
N PHE A 398 -42.10 -23.63 -28.36
CA PHE A 398 -41.99 -23.58 -26.89
C PHE A 398 -42.07 -22.14 -26.45
N GLN A 399 -43.15 -21.75 -25.74
CA GLN A 399 -43.32 -20.33 -25.43
C GLN A 399 -43.04 -19.96 -23.98
N ALA A 400 -42.74 -18.68 -23.80
CA ALA A 400 -42.67 -18.05 -22.49
C ALA A 400 -42.80 -19.07 -21.39
N THR A 401 -43.86 -18.93 -20.60
CA THR A 401 -44.08 -19.69 -19.35
C THR A 401 -43.11 -19.30 -18.23
N HIS A 402 -43.64 -19.14 -17.03
CA HIS A 402 -42.82 -18.72 -15.90
C HIS A 402 -41.74 -17.71 -16.33
N PRO A 403 -41.90 -16.45 -15.90
CA PRO A 403 -40.85 -15.43 -15.95
C PRO A 403 -40.43 -15.09 -14.53
N VAL A 404 -39.29 -14.41 -14.38
CA VAL A 404 -38.89 -13.98 -13.06
C VAL A 404 -39.97 -13.00 -12.77
N MET A 405 -39.82 -12.23 -11.69
CA MET A 405 -40.93 -11.39 -11.23
C MET A 405 -40.62 -10.58 -9.97
N ASP A 406 -41.04 -9.32 -9.98
CA ASP A 406 -40.71 -8.44 -8.87
C ASP A 406 -39.32 -7.90 -8.98
N LEU A 407 -38.94 -7.59 -10.21
CA LEU A 407 -37.60 -7.27 -10.58
C LEU A 407 -37.35 -5.80 -10.46
N LYS A 408 -36.43 -5.39 -9.59
CA LYS A 408 -36.00 -3.98 -9.51
C LYS A 408 -34.70 -3.86 -10.29
N ALA A 409 -34.26 -2.64 -10.56
CA ALA A 409 -32.87 -2.43 -10.97
C ALA A 409 -32.47 -1.03 -10.52
N PHE A 410 -31.25 -0.91 -9.98
CA PHE A 410 -30.79 0.34 -9.33
C PHE A 410 -29.28 0.41 -9.19
N PRO A 411 -28.78 1.41 -8.44
CA PRO A 411 -27.39 1.73 -8.44
C PRO A 411 -26.93 1.78 -7.00
N LYS A 412 -25.62 1.65 -6.78
CA LYS A 412 -24.92 2.01 -5.54
C LYS A 412 -24.12 0.83 -5.18
N ASP A 413 -22.84 1.00 -4.85
CA ASP A 413 -22.18 2.30 -4.81
C ASP A 413 -21.32 2.42 -6.04
N ASN A 414 -21.84 3.08 -7.06
CA ASN A 414 -21.17 3.24 -8.35
C ASN A 414 -21.11 1.93 -9.07
N MET A 415 -22.14 1.12 -8.85
CA MET A 415 -22.19 -0.22 -9.33
C MET A 415 -23.62 -0.46 -9.60
N LEU A 416 -23.96 -0.91 -10.81
CA LEU A 416 -25.37 -1.18 -11.12
C LEU A 416 -25.83 -2.60 -10.66
N TRP A 417 -27.08 -2.71 -10.14
CA TRP A 417 -27.56 -3.92 -9.47
C TRP A 417 -28.94 -4.21 -9.98
N VAL A 418 -29.25 -5.48 -10.17
CA VAL A 418 -30.63 -5.92 -10.46
C VAL A 418 -30.99 -7.07 -9.57
N GLU A 419 -32.11 -6.97 -8.89
CA GLU A 419 -32.50 -8.02 -7.97
C GLU A 419 -33.98 -8.29 -8.15
N TRP A 420 -34.40 -9.55 -8.11
CA TRP A 420 -35.82 -9.91 -8.26
C TRP A 420 -36.18 -10.98 -7.31
N THR A 421 -37.26 -11.72 -7.59
CA THR A 421 -37.72 -12.74 -6.64
C THR A 421 -37.61 -14.19 -7.13
N THR A 422 -37.19 -15.11 -6.27
CA THR A 422 -36.81 -16.43 -6.78
C THR A 422 -37.98 -17.25 -7.26
N PRO A 423 -38.10 -17.36 -8.57
CA PRO A 423 -39.30 -17.72 -9.27
C PRO A 423 -39.84 -19.10 -8.93
N ARG A 424 -41.14 -19.13 -8.63
CA ARG A 424 -41.90 -20.36 -8.51
C ARG A 424 -41.11 -21.46 -7.80
N GLU A 425 -40.64 -22.45 -8.58
CA GLU A 425 -40.10 -23.74 -8.06
C GLU A 425 -38.56 -23.92 -8.02
N SER A 426 -37.86 -23.48 -9.05
CA SER A 426 -36.43 -23.72 -9.05
C SER A 426 -35.87 -23.56 -10.42
N VAL A 427 -35.28 -22.40 -10.65
CA VAL A 427 -34.62 -22.13 -11.91
C VAL A 427 -33.17 -22.55 -11.84
N LYS A 428 -32.63 -22.89 -13.02
CA LYS A 428 -31.38 -23.60 -13.13
C LYS A 428 -30.29 -22.69 -13.68
N LYS A 429 -30.48 -21.39 -13.51
CA LYS A 429 -29.52 -20.33 -13.87
C LYS A 429 -30.30 -19.18 -14.47
N TYR A 430 -30.04 -17.95 -14.06
CA TYR A 430 -30.54 -16.82 -14.83
C TYR A 430 -29.44 -16.40 -15.81
N ILE A 431 -29.76 -15.51 -16.73
CA ILE A 431 -28.82 -15.16 -17.76
C ILE A 431 -29.16 -13.79 -18.33
N LEU A 432 -28.96 -12.74 -17.55
CA LEU A 432 -29.49 -11.43 -17.90
C LEU A 432 -28.62 -10.59 -18.84
N GLU A 433 -29.18 -10.27 -20.01
CA GLU A 433 -28.59 -9.38 -21.02
C GLU A 433 -29.16 -7.98 -20.81
N TRP A 434 -28.55 -6.97 -21.44
CA TRP A 434 -28.93 -5.54 -21.25
C TRP A 434 -28.18 -4.62 -22.22
N CYS A 435 -28.64 -3.36 -22.43
CA CYS A 435 -27.98 -2.38 -23.34
C CYS A 435 -28.53 -0.97 -23.12
N VAL A 436 -28.19 -0.03 -24.00
CA VAL A 436 -28.38 1.41 -23.71
C VAL A 436 -29.34 2.15 -24.63
N LEU A 437 -30.36 2.82 -24.08
CA LEU A 437 -31.26 3.60 -24.94
C LEU A 437 -30.75 5.00 -25.30
N SER A 438 -30.98 5.37 -26.57
CA SER A 438 -30.49 6.59 -27.23
C SER A 438 -30.85 6.47 -28.70
N ASP A 439 -31.38 7.54 -29.26
CA ASP A 439 -31.71 7.57 -30.66
C ASP A 439 -30.46 8.01 -31.36
N LYS A 440 -29.87 7.05 -32.07
CA LYS A 440 -28.57 7.27 -32.64
C LYS A 440 -27.64 6.28 -31.99
N ALA A 441 -28.01 5.01 -32.01
CA ALA A 441 -27.20 3.97 -31.38
C ALA A 441 -27.98 2.67 -31.21
N PRO A 442 -28.20 1.92 -32.30
CA PRO A 442 -29.13 0.78 -32.25
C PRO A 442 -29.28 0.17 -30.83
N CYS A 443 -29.64 -1.11 -30.73
CA CYS A 443 -29.26 -1.78 -29.50
C CYS A 443 -28.27 -2.94 -29.64
N ILE A 444 -27.00 -2.57 -29.39
CA ILE A 444 -25.94 -3.46 -28.90
C ILE A 444 -26.10 -3.82 -27.38
N THR A 445 -25.95 -5.11 -27.10
CA THR A 445 -26.18 -5.67 -25.80
C THR A 445 -24.92 -6.20 -25.07
N ASP A 446 -25.09 -6.38 -23.78
CA ASP A 446 -24.18 -7.17 -23.00
C ASP A 446 -25.09 -8.25 -22.41
N TRP A 447 -24.43 -9.27 -21.85
CA TRP A 447 -25.09 -10.39 -21.16
C TRP A 447 -24.15 -10.94 -20.13
N GLN A 448 -24.73 -11.37 -19.02
CA GLN A 448 -24.04 -12.29 -18.14
C GLN A 448 -24.87 -13.54 -17.84
N GLN A 449 -24.19 -14.61 -17.44
CA GLN A 449 -24.88 -15.75 -16.88
C GLN A 449 -24.77 -15.68 -15.34
N GLU A 450 -25.63 -16.40 -14.65
CA GLU A 450 -25.77 -16.20 -13.22
C GLU A 450 -26.19 -17.51 -12.59
N ASP A 451 -25.51 -17.96 -11.54
CA ASP A 451 -25.87 -19.30 -11.07
C ASP A 451 -27.38 -19.38 -10.76
N GLY A 452 -27.97 -20.55 -11.04
CA GLY A 452 -29.41 -20.74 -10.85
C GLY A 452 -29.88 -19.92 -9.67
N THR A 453 -29.90 -20.56 -8.50
CA THR A 453 -30.00 -19.85 -7.23
C THR A 453 -30.08 -18.32 -7.45
N VAL A 454 -29.04 -17.59 -7.05
CA VAL A 454 -29.03 -16.11 -7.02
C VAL A 454 -30.24 -15.36 -7.58
N HIS A 455 -30.43 -14.17 -7.03
CA HIS A 455 -31.58 -13.38 -7.34
C HIS A 455 -31.17 -11.94 -7.23
N ARG A 456 -29.94 -11.67 -6.77
CA ARG A 456 -29.34 -10.33 -6.98
C ARG A 456 -27.88 -10.30 -7.41
N THR A 457 -27.60 -9.42 -8.36
CA THR A 457 -26.34 -9.40 -9.05
C THR A 457 -26.05 -7.96 -9.47
N TYR A 458 -24.76 -7.66 -9.66
CA TYR A 458 -24.23 -6.36 -10.08
C TYR A 458 -23.73 -6.57 -11.49
N LEU A 459 -24.44 -6.12 -12.51
CA LEU A 459 -23.99 -6.38 -13.87
C LEU A 459 -22.65 -5.74 -14.15
N ARG A 460 -21.99 -6.29 -15.13
CA ARG A 460 -20.57 -6.12 -15.19
C ARG A 460 -20.06 -5.93 -16.60
N GLY A 461 -20.17 -4.70 -17.08
CA GLY A 461 -19.54 -4.24 -18.31
C GLY A 461 -18.65 -3.06 -17.96
N ASN A 462 -19.02 -1.89 -18.47
CA ASN A 462 -18.23 -0.68 -18.30
C ASN A 462 -19.15 0.52 -18.44
N LEU A 463 -20.40 0.31 -18.07
CA LEU A 463 -21.46 1.20 -18.50
C LEU A 463 -21.35 2.65 -18.06
N ALA A 464 -22.23 3.52 -18.62
CA ALA A 464 -22.18 5.00 -18.39
C ALA A 464 -23.46 5.65 -17.87
N GLU A 465 -23.29 6.87 -17.35
CA GLU A 465 -24.37 7.65 -16.69
C GLU A 465 -24.91 8.75 -17.57
N SER A 466 -25.97 9.38 -17.08
CA SER A 466 -26.77 10.16 -17.95
C SER A 466 -27.30 9.23 -19.05
N LYS A 467 -26.62 8.09 -19.24
CA LYS A 467 -27.10 7.08 -20.18
C LYS A 467 -28.06 6.11 -19.52
N CYS A 468 -29.05 5.66 -20.30
CA CYS A 468 -30.16 4.88 -19.76
C CYS A 468 -30.28 3.44 -20.28
N TYR A 469 -29.99 2.47 -19.40
CA TYR A 469 -29.97 1.04 -19.75
C TYR A 469 -31.29 0.33 -19.70
N LEU A 470 -31.49 -0.54 -20.66
CA LEU A 470 -32.60 -1.44 -20.63
C LEU A 470 -31.94 -2.72 -20.18
N ILE A 471 -32.60 -3.41 -19.27
CA ILE A 471 -32.10 -4.67 -18.71
C ILE A 471 -33.19 -5.76 -18.79
N THR A 472 -32.92 -6.83 -19.54
CA THR A 472 -33.80 -8.01 -19.57
C THR A 472 -33.26 -9.12 -18.66
N VAL A 473 -34.16 -9.80 -17.92
CA VAL A 473 -33.78 -10.94 -17.08
C VAL A 473 -34.47 -12.19 -17.57
N THR A 474 -33.75 -13.04 -18.30
CA THR A 474 -34.31 -14.32 -18.71
C THR A 474 -33.90 -15.43 -17.75
N PRO A 475 -34.86 -16.18 -17.21
CA PRO A 475 -34.61 -17.38 -16.42
C PRO A 475 -34.62 -18.63 -17.29
N VAL A 476 -33.71 -19.54 -16.99
CA VAL A 476 -33.59 -20.77 -17.75
C VAL A 476 -33.99 -21.93 -16.85
N TYR A 477 -35.07 -22.64 -17.23
CA TYR A 477 -35.50 -23.86 -16.55
C TYR A 477 -35.32 -25.04 -17.48
N ALA A 478 -35.79 -26.18 -17.01
CA ALA A 478 -35.36 -27.45 -17.55
C ALA A 478 -35.11 -27.41 -19.06
N ASP A 479 -36.16 -27.08 -19.79
CA ASP A 479 -36.29 -27.43 -21.19
C ASP A 479 -36.28 -26.18 -22.02
N GLY A 480 -35.56 -25.16 -21.58
CA GLY A 480 -35.46 -23.93 -22.36
C GLY A 480 -35.55 -22.66 -21.53
N PRO A 481 -35.54 -21.52 -22.23
CA PRO A 481 -35.67 -20.28 -21.51
C PRO A 481 -37.12 -19.93 -21.28
N GLY A 482 -37.34 -19.13 -20.25
CA GLY A 482 -38.68 -18.65 -19.91
C GLY A 482 -39.04 -17.25 -20.40
N SER A 483 -40.32 -17.03 -20.61
CA SER A 483 -40.83 -15.70 -20.75
C SER A 483 -39.97 -14.78 -19.90
N PRO A 484 -39.22 -13.89 -20.54
CA PRO A 484 -38.31 -12.94 -19.87
C PRO A 484 -38.97 -11.63 -19.49
N GLU A 485 -38.36 -10.87 -18.57
CA GLU A 485 -38.86 -9.55 -18.16
C GLU A 485 -37.76 -8.52 -18.16
N SER A 486 -38.15 -7.24 -18.28
CA SER A 486 -37.19 -6.14 -18.61
C SER A 486 -37.48 -4.75 -18.01
N ILE A 487 -36.42 -4.00 -17.70
CA ILE A 487 -36.56 -2.83 -16.87
C ILE A 487 -35.46 -1.84 -17.17
N LYS A 488 -35.75 -0.55 -17.03
CA LYS A 488 -34.79 0.54 -17.33
C LYS A 488 -34.17 1.18 -16.04
N ALA A 489 -33.01 1.80 -16.16
CA ALA A 489 -32.33 2.34 -15.00
C ALA A 489 -30.97 2.94 -15.37
N TYR A 490 -30.78 4.27 -15.24
CA TYR A 490 -29.42 4.84 -15.38
C TYR A 490 -28.69 4.53 -14.11
N LEU A 491 -27.36 4.64 -14.19
CA LEU A 491 -26.50 4.21 -13.10
C LEU A 491 -26.10 5.37 -12.21
N LYS A 492 -26.13 6.58 -12.79
CA LYS A 492 -25.91 7.84 -12.04
C LYS A 492 -26.48 8.93 -12.87
N GLN A 493 -27.27 9.83 -12.30
CA GLN A 493 -27.95 10.80 -13.15
C GLN A 493 -27.31 12.21 -13.18
N ALA A 494 -27.51 12.89 -14.31
CA ALA A 494 -27.32 14.34 -14.48
C ALA A 494 -28.67 15.03 -14.76
N PRO A 495 -28.77 16.32 -14.46
CA PRO A 495 -30.04 17.09 -14.63
C PRO A 495 -30.33 17.47 -16.12
N PRO A 496 -31.58 17.31 -16.60
CA PRO A 496 -31.49 17.22 -18.05
C PRO A 496 -30.49 18.22 -18.58
N SER A 497 -30.07 18.03 -19.83
CA SER A 497 -29.14 18.93 -20.56
C SER A 497 -29.91 20.05 -21.24
N LYS A 498 -30.88 19.65 -22.07
CA LYS A 498 -31.80 20.59 -22.69
C LYS A 498 -32.95 20.87 -21.73
N GLY A 499 -34.08 21.30 -22.23
CA GLY A 499 -35.17 21.61 -21.32
C GLY A 499 -36.40 21.99 -22.08
N PRO A 500 -37.58 21.64 -21.56
CA PRO A 500 -38.72 21.52 -22.45
C PRO A 500 -39.00 22.81 -23.20
N THR A 501 -39.53 22.69 -24.40
CA THR A 501 -39.97 23.84 -25.13
C THR A 501 -41.44 24.05 -24.88
N VAL A 502 -41.83 25.17 -24.26
CA VAL A 502 -43.25 25.40 -23.91
C VAL A 502 -44.03 25.90 -25.14
N ARG A 503 -45.32 26.22 -24.94
CA ARG A 503 -46.18 26.79 -25.97
C ARG A 503 -47.65 26.68 -25.55
N THR A 504 -48.42 27.74 -25.76
CA THR A 504 -49.83 27.72 -25.34
C THR A 504 -50.77 26.98 -26.26
N LYS A 505 -52.03 26.92 -25.83
CA LYS A 505 -53.15 26.40 -26.62
C LYS A 505 -54.41 27.12 -26.14
N LYS A 506 -54.90 28.07 -26.92
CA LYS A 506 -56.09 28.75 -26.50
C LYS A 506 -55.63 29.91 -25.65
N VAL A 507 -56.55 30.56 -24.94
CA VAL A 507 -56.19 31.64 -24.02
C VAL A 507 -57.37 32.50 -23.63
N GLY A 508 -57.89 32.33 -22.43
CA GLY A 508 -59.08 33.07 -22.01
C GLY A 508 -58.80 34.52 -21.68
N LYS A 509 -59.86 35.29 -21.44
CA LYS A 509 -59.66 36.66 -21.04
C LYS A 509 -59.11 36.63 -19.62
N ASN A 510 -58.08 35.83 -19.42
CA ASN A 510 -57.62 35.51 -18.08
C ASN A 510 -57.67 34.01 -17.91
N GLU A 511 -56.50 33.38 -17.90
CA GLU A 511 -56.45 31.94 -17.89
C GLU A 511 -56.36 31.31 -19.27
N ALA A 512 -55.22 30.73 -19.60
CA ALA A 512 -55.05 30.01 -20.88
C ALA A 512 -54.35 28.68 -20.66
N VAL A 513 -54.51 27.74 -21.58
CA VAL A 513 -53.95 26.43 -21.35
C VAL A 513 -52.58 26.36 -21.98
N LEU A 514 -51.76 25.39 -21.58
CA LEU A 514 -50.38 25.31 -22.07
C LEU A 514 -49.99 23.94 -22.62
N GLU A 515 -48.90 23.91 -23.37
CA GLU A 515 -48.55 22.71 -24.12
C GLU A 515 -47.03 22.47 -24.21
N TRP A 516 -46.57 21.30 -23.79
CA TRP A 516 -45.24 20.84 -24.19
C TRP A 516 -45.26 19.41 -24.80
N ASP A 517 -44.15 18.70 -24.57
CA ASP A 517 -43.91 17.32 -25.02
C ASP A 517 -42.55 16.98 -24.45
N GLN A 518 -42.14 15.73 -24.58
CA GLN A 518 -41.07 15.17 -23.76
C GLN A 518 -39.63 15.48 -24.12
N LEU A 519 -38.85 16.02 -23.17
CA LEU A 519 -37.38 16.04 -23.24
C LEU A 519 -36.91 14.71 -23.71
N PRO A 520 -36.25 14.68 -24.85
CA PRO A 520 -36.23 13.39 -25.50
C PRO A 520 -35.11 12.53 -24.95
N VAL A 521 -35.37 11.23 -24.80
CA VAL A 521 -34.45 10.38 -24.05
C VAL A 521 -33.06 10.99 -23.96
N ASP A 522 -32.36 10.95 -25.07
CA ASP A 522 -30.95 11.26 -25.05
C ASP A 522 -30.58 12.61 -24.46
N VAL A 523 -31.55 13.41 -24.06
CA VAL A 523 -31.21 14.71 -23.49
C VAL A 523 -31.54 14.78 -22.03
N GLN A 524 -32.35 13.83 -21.56
CA GLN A 524 -32.80 13.81 -20.18
C GLN A 524 -31.61 13.59 -19.27
N ASN A 525 -30.82 12.56 -19.62
CA ASN A 525 -29.75 12.10 -18.75
C ASN A 525 -30.41 11.72 -17.46
N GLY A 526 -31.56 11.07 -17.57
CA GLY A 526 -32.26 10.70 -16.38
C GLY A 526 -33.77 10.76 -16.30
N PHE A 527 -34.30 9.84 -15.49
CA PHE A 527 -35.69 9.73 -15.14
C PHE A 527 -36.30 11.05 -14.69
N ILE A 528 -37.09 11.63 -15.60
CA ILE A 528 -37.68 12.91 -15.35
C ILE A 528 -38.75 12.87 -14.27
N ARG A 529 -38.37 13.18 -13.03
CA ARG A 529 -39.38 13.31 -11.99
C ARG A 529 -40.51 14.20 -12.53
N ASN A 530 -40.29 15.52 -12.56
CA ASN A 530 -41.42 16.48 -12.59
C ASN A 530 -41.12 17.88 -13.14
N TYR A 531 -42.18 18.58 -13.61
CA TYR A 531 -42.06 19.93 -14.22
C TYR A 531 -42.49 21.07 -13.32
N THR A 532 -41.62 22.06 -13.18
CA THR A 532 -42.00 23.26 -12.53
C THR A 532 -42.17 24.14 -13.75
N ILE A 533 -43.39 24.73 -13.91
CA ILE A 533 -43.68 25.78 -14.91
C ILE A 533 -43.92 27.07 -14.18
N PHE A 534 -42.99 28.01 -14.22
CA PHE A 534 -43.25 29.32 -13.61
C PHE A 534 -43.29 30.44 -14.64
N TYR A 535 -44.02 31.51 -14.32
CA TYR A 535 -44.39 32.55 -15.27
C TYR A 535 -44.52 33.94 -14.64
N ARG A 536 -43.99 34.96 -15.31
CA ARG A 536 -44.23 36.37 -14.92
C ARG A 536 -44.79 37.29 -16.03
N THR A 537 -45.10 38.50 -15.56
CA THR A 537 -45.61 39.60 -16.39
C THR A 537 -44.48 40.57 -16.70
N ILE A 538 -44.87 41.76 -17.13
CA ILE A 538 -43.91 42.78 -17.47
C ILE A 538 -43.49 43.41 -16.16
N ILE A 539 -44.48 43.65 -15.29
CA ILE A 539 -44.23 44.19 -13.95
C ILE A 539 -43.57 43.08 -13.16
N GLY A 540 -43.75 41.87 -13.71
CA GLY A 540 -42.83 40.74 -13.52
C GLY A 540 -42.49 40.23 -12.13
N ASN A 541 -43.53 39.89 -11.37
CA ASN A 541 -43.37 39.27 -10.05
C ASN A 541 -42.95 37.80 -10.25
N GLU A 542 -43.73 37.07 -11.05
CA GLU A 542 -43.56 35.62 -11.30
C GLU A 542 -44.27 34.79 -10.23
N THR A 543 -44.14 33.48 -10.37
CA THR A 543 -44.76 32.52 -9.47
C THR A 543 -44.40 31.17 -10.07
N ALA A 544 -45.04 30.09 -9.64
CA ALA A 544 -44.84 28.86 -10.39
C ALA A 544 -45.60 27.72 -9.81
N VAL A 545 -45.82 26.70 -10.63
CA VAL A 545 -46.48 25.50 -10.20
C VAL A 545 -45.48 24.37 -10.54
N ASN A 546 -45.59 23.17 -9.94
CA ASN A 546 -44.76 22.03 -10.36
C ASN A 546 -45.67 20.92 -10.89
N VAL A 547 -45.23 20.15 -11.88
CA VAL A 547 -46.18 19.20 -12.42
C VAL A 547 -45.84 17.75 -12.60
N ASP A 548 -46.83 16.97 -12.21
CA ASP A 548 -46.71 15.58 -11.83
C ASP A 548 -46.23 14.79 -13.05
N SER A 549 -45.13 15.27 -13.64
CA SER A 549 -44.42 14.65 -14.78
C SER A 549 -45.20 14.06 -15.94
N SER A 550 -45.90 12.97 -15.70
CA SER A 550 -46.79 12.42 -16.73
C SER A 550 -47.51 13.51 -17.55
N HIS A 551 -48.03 14.54 -16.88
CA HIS A 551 -48.71 15.67 -17.53
C HIS A 551 -48.00 16.31 -18.78
N THR A 552 -48.80 16.64 -19.82
CA THR A 552 -48.31 17.29 -21.06
C THR A 552 -48.93 18.67 -21.36
N GLU A 553 -49.95 19.03 -20.59
CA GLU A 553 -50.52 20.36 -20.69
C GLU A 553 -50.72 21.01 -19.30
N TYR A 554 -51.67 21.93 -19.20
CA TYR A 554 -51.88 22.57 -17.92
C TYR A 554 -53.17 23.36 -17.79
N THR A 555 -53.05 24.69 -17.80
CA THR A 555 -54.24 25.53 -17.63
C THR A 555 -53.96 26.70 -16.70
N LEU A 556 -52.89 27.47 -16.97
CA LEU A 556 -52.58 28.65 -16.16
C LEU A 556 -53.89 29.41 -15.98
N SER A 557 -54.19 29.72 -14.73
CA SER A 557 -55.55 30.07 -14.33
C SER A 557 -55.63 31.36 -13.54
N SER A 558 -56.83 31.93 -13.43
CA SER A 558 -56.96 33.35 -13.04
C SER A 558 -55.69 34.18 -13.36
N LEU A 559 -55.64 34.62 -14.63
CA LEU A 559 -54.73 35.67 -15.10
C LEU A 559 -55.56 36.90 -15.48
N THR A 560 -54.87 37.98 -15.86
CA THR A 560 -55.51 39.24 -16.23
C THR A 560 -56.14 39.23 -17.60
N SER A 561 -57.03 40.21 -17.82
CA SER A 561 -57.64 40.47 -19.12
C SER A 561 -56.76 41.49 -19.88
N ASP A 562 -56.07 41.08 -20.94
CA ASP A 562 -55.17 42.02 -21.58
C ASP A 562 -53.87 42.06 -20.80
N THR A 563 -53.16 40.94 -20.77
CA THR A 563 -51.89 40.92 -20.07
C THR A 563 -50.69 40.36 -20.87
N LEU A 564 -49.50 40.90 -20.60
CA LEU A 564 -48.31 40.30 -21.17
C LEU A 564 -47.86 39.30 -20.19
N TYR A 565 -47.61 38.10 -20.69
CA TYR A 565 -47.26 36.97 -19.86
C TYR A 565 -46.04 36.33 -20.48
N MET A 566 -45.04 36.05 -19.66
CA MET A 566 -43.84 35.38 -20.15
C MET A 566 -43.68 34.07 -19.35
N VAL A 567 -43.25 32.98 -19.97
CA VAL A 567 -43.10 31.74 -19.20
C VAL A 567 -41.71 31.10 -19.30
N ARG A 568 -41.65 29.82 -18.97
CA ARG A 568 -40.44 29.01 -19.08
C ARG A 568 -40.57 27.97 -18.00
N MET A 569 -40.43 26.72 -18.40
CA MET A 569 -40.71 25.58 -17.54
C MET A 569 -39.55 24.57 -17.55
N ALA A 570 -39.04 24.31 -16.34
CA ALA A 570 -37.95 23.36 -16.13
C ALA A 570 -38.48 21.91 -15.96
N ALA A 571 -37.76 20.92 -16.50
CA ALA A 571 -37.95 19.52 -16.10
C ALA A 571 -36.82 19.03 -15.14
N TYR A 572 -37.14 18.09 -14.25
CA TYR A 572 -36.24 17.62 -13.19
C TYR A 572 -35.99 16.10 -13.00
N THR A 573 -34.73 15.68 -12.99
CA THR A 573 -34.40 14.29 -12.67
C THR A 573 -33.90 14.10 -11.23
N ASP A 574 -34.47 13.13 -10.53
CA ASP A 574 -34.13 13.05 -9.14
C ASP A 574 -33.02 14.04 -9.06
N GLU A 575 -31.90 13.69 -9.66
CA GLU A 575 -30.72 14.54 -9.68
C GLU A 575 -30.89 16.09 -9.74
N GLY A 576 -32.00 16.57 -10.31
CA GLY A 576 -32.21 18.03 -10.44
C GLY A 576 -32.57 18.49 -11.85
N GLY A 577 -32.94 19.77 -11.98
CA GLY A 577 -33.59 20.26 -13.21
C GLY A 577 -32.83 21.27 -14.07
N LYS A 578 -33.45 21.61 -15.21
CA LYS A 578 -32.93 22.55 -16.20
C LYS A 578 -34.05 23.16 -16.96
N ASP A 579 -34.34 24.42 -16.74
CA ASP A 579 -35.47 25.04 -17.42
C ASP A 579 -35.28 25.17 -18.94
N GLY A 580 -36.39 25.05 -19.67
CA GLY A 580 -36.40 25.19 -21.12
C GLY A 580 -36.26 26.63 -21.65
N PRO A 581 -36.92 26.91 -22.80
CA PRO A 581 -36.74 28.16 -23.54
C PRO A 581 -37.96 29.03 -23.36
N GLU A 582 -37.81 30.05 -22.51
CA GLU A 582 -38.93 30.95 -22.17
C GLU A 582 -39.66 31.40 -23.42
N PHE A 583 -40.98 31.51 -23.29
CA PHE A 583 -41.86 31.70 -24.41
C PHE A 583 -42.98 32.56 -23.90
N THR A 584 -43.45 33.45 -24.75
CA THR A 584 -44.22 34.59 -24.28
C THR A 584 -45.56 34.81 -25.03
N PHE A 585 -46.67 34.56 -24.30
CA PHE A 585 -48.06 34.66 -24.82
C PHE A 585 -48.79 35.94 -24.38
N THR A 586 -50.10 35.90 -24.13
CA THR A 586 -50.81 37.17 -23.80
C THR A 586 -52.36 37.30 -23.97
N THR A 587 -53.09 37.15 -22.86
CA THR A 587 -54.55 37.23 -22.84
C THR A 587 -55.05 38.36 -23.70
N PRO A 588 -56.29 38.23 -24.16
CA PRO A 588 -57.17 39.12 -24.92
C PRO A 588 -57.69 40.33 -24.13
N LYS A 589 -58.68 41.02 -24.69
CA LYS A 589 -59.55 41.95 -23.93
C LYS A 589 -61.05 41.58 -24.01
C1 NAG B . 26.07 -22.50 -2.65
C2 NAG B . 27.60 -22.65 -2.92
C3 NAG B . 28.09 -21.87 -4.18
C4 NAG B . 27.57 -20.41 -4.23
C5 NAG B . 26.51 -20.23 -3.14
C6 NAG B . 25.65 -18.99 -3.32
C7 NAG B . 28.81 -23.25 -0.81
C8 NAG B . 29.67 -22.70 0.29
N2 NAG B . 28.45 -22.35 -1.75
O3 NAG B . 27.71 -22.53 -5.39
O4 NAG B . 28.61 -19.41 -4.33
O5 NAG B . 25.67 -21.33 -3.32
O6 NAG B . 24.33 -19.40 -3.71
O7 NAG B . 28.45 -24.44 -0.81
C1 NAG B . 29.57 -19.91 -5.37
C2 NAG B . 29.46 -19.47 -6.89
C3 NAG B . 30.24 -20.52 -7.78
C4 NAG B . 31.34 -21.34 -6.99
C5 NAG B . 31.15 -21.38 -5.47
C6 NAG B . 32.15 -22.07 -4.56
C7 NAG B . 27.25 -19.96 -8.03
C8 NAG B . 25.88 -19.41 -8.27
N2 NAG B . 28.06 -19.16 -7.32
O3 NAG B . 30.73 -19.91 -8.99
O4 NAG B . 31.40 -22.72 -7.39
O5 NAG B . 30.96 -20.08 -4.97
O6 NAG B . 31.45 -22.14 -3.34
O7 NAG B . 27.57 -21.08 -8.46
C1 NAG C . 44.10 6.18 23.14
C2 NAG C . 45.57 5.79 23.43
C3 NAG C . 46.59 6.79 22.88
C4 NAG C . 46.14 8.25 22.96
C5 NAG C . 44.76 8.44 23.57
C6 NAG C . 44.23 9.87 23.44
C7 NAG C . 45.45 4.43 25.57
C8 NAG C . 45.95 4.34 26.97
N2 NAG C . 45.90 5.49 24.84
O3 NAG C . 46.87 6.50 21.53
O4 NAG C . 47.20 8.98 23.57
O5 NAG C . 43.92 7.56 22.84
O6 NAG C . 44.38 10.35 22.11
O7 NAG C . 44.65 3.55 25.18
C1 NAG C . 48.25 8.50 22.69
C2 NAG C . 49.14 9.55 21.99
C3 NAG C . 50.00 8.81 20.96
C4 NAG C . 50.59 7.52 21.57
C5 NAG C . 49.56 6.63 22.31
C6 NAG C . 50.11 5.38 23.01
C7 NAG C . 47.65 10.09 20.19
C8 NAG C . 46.91 11.12 19.38
N2 NAG C . 48.42 10.53 21.20
O3 NAG C . 50.95 9.71 20.40
O4 NAG C . 51.35 6.90 20.57
O5 NAG C . 48.98 7.45 23.30
O6 NAG C . 49.19 4.85 23.97
O7 NAG C . 47.54 8.89 19.94
C1 BMA C . 52.46 7.80 20.70
C2 BMA C . 53.64 7.16 21.45
C3 BMA C . 54.61 8.30 21.76
C4 BMA C . 54.93 8.93 20.41
C5 BMA C . 53.64 9.65 20.02
C6 BMA C . 53.69 10.87 19.10
O2 BMA C . 54.26 6.20 20.62
O3 BMA C . 55.74 7.88 22.49
O4 BMA C . 56.12 9.70 20.42
O5 BMA C . 52.81 8.58 19.57
O6 BMA C . 54.48 10.66 17.95
C1 BMA C . 57.18 8.83 19.96
C2 BMA C . 57.82 9.37 18.69
C3 BMA C . 58.74 10.57 19.01
C4 BMA C . 58.71 11.05 20.47
C5 BMA C . 58.41 9.95 21.52
C6 BMA C . 57.20 10.24 22.43
O2 BMA C . 56.82 9.74 17.75
O3 BMA C . 58.45 11.64 18.15
O4 BMA C . 59.97 11.65 20.75
O5 BMA C . 58.22 8.71 20.89
O6 BMA C . 56.30 11.22 21.93
C1 NAG D . 59.55 31.34 44.09
C2 NAG D . 60.33 30.78 42.87
C3 NAG D . 59.98 29.33 42.46
C4 NAG D . 58.63 28.81 43.08
C5 NAG D . 57.65 29.97 43.32
C6 NAG D . 56.31 29.44 43.81
C7 NAG D . 61.33 32.40 41.38
C8 NAG D . 61.19 33.31 40.20
N2 NAG D . 60.27 31.68 41.73
O3 NAG D . 61.13 28.56 42.82
O4 NAG D . 57.94 27.75 42.42
O5 NAG D . 58.19 30.85 44.29
O6 NAG D . 56.60 28.69 45.28
O7 NAG D . 62.41 32.34 41.98
C1 NAG D . 58.91 26.80 41.90
C2 NAG D . 59.11 25.40 42.53
C3 NAG D . 60.52 24.87 42.13
C4 NAG D . 60.97 25.37 40.72
C5 NAG D . 60.37 26.77 40.45
C6 NAG D . 60.88 27.59 39.26
C7 NAG D . 60.23 25.99 44.58
C8 NAG D . 60.20 26.14 46.10
N2 NAG D . 59.12 25.53 43.97
O3 NAG D . 60.66 23.47 42.32
O4 NAG D . 62.38 25.45 40.62
O5 NAG D . 58.96 26.73 40.51
O6 NAG D . 60.69 28.95 39.61
O7 NAG D . 61.26 26.31 43.97
C1 NAG E . -7.21 -20.73 -30.12
C2 NAG E . -6.59 -19.35 -29.87
C3 NAG E . -6.17 -19.25 -28.40
C4 NAG E . -5.10 -20.31 -28.11
C5 NAG E . -5.24 -21.43 -29.17
C6 NAG E . -4.33 -22.65 -29.00
C7 NAG E . -4.84 -17.94 -31.10
C8 NAG E . -3.71 -18.09 -32.10
N2 NAG E . -5.46 -19.10 -30.80
O3 NAG E . -7.32 -19.38 -27.55
O4 NAG E . -3.81 -19.73 -28.23
O5 NAG E . -6.62 -21.74 -29.31
O6 NAG E . -5.10 -23.80 -29.24
O7 NAG E . -5.11 -16.79 -30.66
C1 NAG E . -3.33 -19.12 -27.02
C2 NAG E . -1.82 -19.38 -26.98
C3 NAG E . -1.21 -18.48 -25.87
C4 NAG E . -1.11 -17.12 -26.58
C5 NAG E . -2.35 -17.02 -27.49
C6 NAG E . -2.05 -17.68 -28.87
C7 NAG E . -2.30 -21.69 -26.38
C8 NAG E . -1.88 -23.13 -26.43
N2 NAG E . -1.50 -20.80 -26.97
O3 NAG E . -0.01 -18.91 -25.23
O4 NAG E . -0.93 -16.00 -25.72
O5 NAG E . -3.48 -17.71 -26.91
O6 NAG E . -1.21 -16.93 -29.75
O7 NAG E . -3.34 -21.33 -25.79
C1 BMA E . 0.49 -15.77 -25.42
C2 BMA E . 1.35 -17.02 -25.42
C3 BMA E . 2.56 -16.64 -24.58
C4 BMA E . 3.29 -15.54 -25.35
C5 BMA E . 2.31 -14.37 -25.45
C6 BMA E . 2.88 -13.05 -25.98
O2 BMA E . 1.80 -17.26 -26.73
O3 BMA E . 3.39 -17.77 -24.32
O4 BMA E . 4.48 -15.19 -24.67
O5 BMA E . 1.19 -14.80 -26.19
O6 BMA E . 3.45 -13.19 -27.26
C1 NAG F . -40.05 16.47 -7.90
C2 NAG F . -39.99 16.66 -6.38
C3 NAG F . -38.58 16.98 -5.89
C4 NAG F . -37.46 16.12 -6.47
C5 NAG F . -37.72 15.91 -7.95
C6 NAG F . -36.80 14.78 -8.37
C7 NAG F . -41.99 17.54 -5.14
C8 NAG F . -42.60 18.80 -4.62
N2 NAG F . -40.83 17.72 -5.79
O3 NAG F . -38.60 16.73 -4.52
O4 NAG F . -36.18 16.72 -6.18
O5 NAG F . -39.05 15.54 -8.24
O6 NAG F . -35.96 14.44 -7.27
O7 NAG F . -42.52 16.43 -4.98
C1 NAG F . -35.29 15.83 -5.50
C2 NAG F . -34.25 16.66 -4.79
C3 NAG F . -34.25 16.46 -3.28
C4 NAG F . -34.11 14.98 -2.96
C5 NAG F . -34.99 14.15 -3.90
C6 NAG F . -35.87 13.23 -3.07
C7 NAG F . -32.31 16.95 -6.14
C8 NAG F . -30.96 16.43 -6.56
N2 NAG F . -32.95 16.22 -5.25
O3 NAG F . -35.41 17.00 -2.68
O4 NAG F . -32.75 14.56 -3.00
O5 NAG F . -35.89 14.99 -4.55
O6 NAG F . -37.18 13.76 -3.15
O7 NAG F . -32.81 17.99 -6.59
C1 BMA F . -32.57 13.56 -1.97
C2 BMA F . -32.63 12.18 -2.55
C3 BMA F . -33.06 11.31 -1.39
C4 BMA F . -31.96 11.33 -0.35
C5 BMA F . -31.61 12.77 0.02
C6 BMA F . -30.44 12.83 1.01
O2 BMA F . -31.32 11.85 -2.95
O3 BMA F . -33.26 10.01 -1.87
O4 BMA F . -32.46 10.65 0.78
O5 BMA F . -31.41 13.56 -1.16
O6 BMA F . -29.73 14.06 0.98
C1 BMA F . -31.79 9.38 1.00
C2 BMA F . -31.54 9.34 2.49
C3 BMA F . -32.67 8.60 3.20
C4 BMA F . -33.98 8.87 2.45
C5 BMA F . -33.89 8.23 1.07
C6 BMA F . -34.89 8.97 0.18
O2 BMA F . -31.53 10.67 2.93
O3 BMA F . -32.75 9.03 4.54
O4 BMA F . -35.16 8.41 3.09
O5 BMA F . -32.54 8.24 0.61
O6 BMA F . -35.62 9.93 0.93
C1 NAG G . -17.05 -36.64 -30.52
C2 NAG G . -16.43 -36.88 -29.11
C3 NAG G . -15.86 -38.28 -28.84
C4 NAG G . -17.04 -39.22 -29.03
C5 NAG G . -17.34 -39.11 -30.54
C6 NAG G . -18.18 -40.29 -31.08
C7 NAG G . -15.76 -35.49 -27.39
C8 NAG G . -14.90 -34.40 -26.81
N2 NAG G . -15.52 -35.84 -28.65
O3 NAG G . -15.32 -38.37 -27.53
O4 NAG G . -16.78 -40.55 -28.61
O5 NAG G . -17.85 -37.80 -30.88
O6 NAG G . -17.41 -41.12 -31.96
O7 NAG G . -16.68 -36.05 -26.76
C1 FUC G . -16.76 -42.22 -31.26
C2 FUC G . -15.32 -41.93 -30.78
C3 FUC G . -15.24 -42.26 -29.30
C4 FUC G . -15.58 -43.73 -29.19
C5 FUC G . -17.08 -43.88 -29.48
C6 FUC G . -17.48 -45.16 -30.22
O2 FUC G . -14.87 -40.61 -31.04
O3 FUC G . -13.96 -42.00 -28.76
O4 FUC G . -14.85 -44.42 -30.18
O5 FUC G . -17.56 -42.74 -30.19
C1 NAG H . 38.47 26.46 44.57
C2 NAG H . 39.20 26.65 45.89
C3 NAG H . 38.29 27.24 46.98
C4 NAG H . 37.00 26.43 47.08
C5 NAG H . 37.07 25.23 46.12
C6 NAG H . 35.88 25.09 45.05
C7 NAG H . 40.34 24.11 47.11
C8 NAG H . 39.74 22.81 47.61
N2 NAG H . 39.68 25.34 46.34
O3 NAG H . 38.00 28.61 46.77
O4 NAG H . 36.79 26.03 48.43
O5 NAG H . 37.32 25.63 44.77
O6 NAG H . 35.23 26.07 44.22
O7 NAG H . 41.53 24.40 47.41
C1 NAG H . 37.91 26.48 49.24
C2 NAG H . 39.05 25.48 49.10
C3 NAG H . 40.30 25.87 49.90
C4 NAG H . 40.43 27.38 50.25
C5 NAG H . 39.38 28.37 49.70
C6 NAG H . 40.10 29.52 48.98
C7 NAG H . 38.82 23.75 50.77
C8 NAG H . 38.54 22.31 51.11
N2 NAG H . 38.75 24.10 49.49
O3 NAG H . 41.43 25.28 49.25
O4 NAG H . 40.52 27.54 51.67
O5 NAG H . 38.35 27.79 48.88
O6 NAG H . 39.16 30.25 48.21
O7 NAG H . 39.08 24.55 51.67
S SO4 I . 24.42 -4.78 12.93
O1 SO4 I . 25.78 -5.18 12.53
O2 SO4 I . 24.42 -4.09 14.22
O3 SO4 I . 23.92 -3.91 11.87
O4 SO4 I . 23.60 -5.99 13.03
S SO4 J . 11.02 -6.02 3.67
O1 SO4 J . 11.42 -4.65 3.95
O2 SO4 J . 10.64 -6.17 2.26
O3 SO4 J . 12.16 -6.90 3.94
O4 SO4 J . 9.90 -6.40 4.54
S SO4 K . -37.27 -33.02 -19.93
O1 SO4 K . -35.95 -32.75 -20.51
O2 SO4 K . -38.22 -32.08 -20.53
O3 SO4 K . -37.66 -34.41 -20.18
O4 SO4 K . -37.27 -32.86 -18.47
#